data_9KRT
#
_entry.id   9KRT
#
_cell.length_a   1.00
_cell.length_b   1.00
_cell.length_c   1.00
_cell.angle_alpha   90.00
_cell.angle_beta   90.00
_cell.angle_gamma   90.00
#
_symmetry.space_group_name_H-M   'P 1'
#
loop_
_entity.id
_entity.type
_entity.pdbx_description
1 polymer 'NADP-dependent malic enzyme'
2 non-polymer 'NADP NICOTINAMIDE-ADENINE-DINUCLEOTIDE PHOSPHATE'
3 non-polymer 'MAGNESIUM ION'
#
_entity_poly.entity_id   1
_entity_poly.type   'polypeptide(L)'
_entity_poly.pdbx_seq_one_letter_code
;MDDQLKQSALDFHEFPVPGKIQVSPTKPLATQRDLALAYSPGVAAPCLEIEKDPLKAYKYTARGNLVAVISNGTAVLGLG
NIGALAGKPVMEGKGVLFKKFAGIDVFDIEVDELDPDKFIEVVAALEPTFGGINLEDIKAPECFYIEQKLRERMNIPVFH
DDQHGTAIISTAAILNGLRVVEKNISDVRMVVSGAGAAAIACMNLLVALGLQKHNIVVCDSKGVIYQGREPNMAETKAAY
AVVDDGKRTLDDVIEGADIFLGCSGPKVLTQEMVKKMARAPMILALANPEPEILPPLAKEVRPDAIICTGRSDYPNQVNN
VLCFPFIFRGALDVGATAINEEMKLAAVRAIAELAHAEQSEVVASAYGDQDLSFGPEYIIPKPFDPRLIVKIAPAVAKAA
MESGVATRPIADFDVYIDKLTEFVYKTNLFMKPIFSQARKAPKRVVLPEGEEARVLHATQELVTLGLAKPILIGRPNVIE
MRIQKLGLQIKAGVDFEIVNNESDPRFKEYWTEYFQIMKRRGVTQEQAQRALISNPTVIGAIMVQRGEADAMICGTVGDY
HEHFSVVKNVFGYRDGVHTAGAMNALLLPSGNTFIADTYVNDEPDAEELAEITLMAAETVRRFGIEPRVALLSHSNFGSS
DCPSSSKMRQALELVRERAPELMIDGEMHGDAALVEAIRNDRMPDSSLKGSANILVMPNMEAARISYNLLRVSSSEGVTV
GPVLMGVAKPVHVLTPIASVRRIVNMVALAVVEAQTQPL
;
_entity_poly.pdbx_strand_id   A
#
loop_
_chem_comp.id
_chem_comp.type
_chem_comp.name
_chem_comp.formula
MG non-polymer 'MAGNESIUM ION' 'Mg 2'
NAP non-polymer 'NADP NICOTINAMIDE-ADENINE-DINUCLEOTIDE PHOSPHATE' 'C21 H28 N7 O17 P3'
#
# COMPACT_ATOMS: atom_id res chain seq x y z
N ASP A 2 -25.02 -0.68 -5.67
CA ASP A 2 -23.61 -0.49 -5.36
C ASP A 2 -23.10 -1.56 -4.41
N ASP A 3 -23.83 -2.68 -4.35
CA ASP A 3 -23.54 -3.76 -3.42
C ASP A 3 -22.13 -4.32 -3.62
N GLN A 4 -21.64 -4.28 -4.87
CA GLN A 4 -20.26 -4.74 -5.10
C GLN A 4 -19.26 -3.91 -4.34
N LEU A 5 -19.63 -2.68 -3.97
CA LEU A 5 -18.89 -1.89 -2.99
C LEU A 5 -19.62 -1.72 -1.67
N LYS A 6 -20.94 -1.54 -1.71
CA LYS A 6 -21.71 -1.35 -0.48
C LYS A 6 -21.67 -2.60 0.38
N GLN A 7 -22.02 -3.76 -0.20
CA GLN A 7 -22.02 -5.00 0.56
C GLN A 7 -20.60 -5.45 0.88
N SER A 8 -19.69 -5.31 -0.09
CA SER A 8 -18.31 -5.75 0.10
C SER A 8 -17.65 -4.98 1.25
N ALA A 9 -17.81 -3.66 1.26
CA ALA A 9 -17.33 -2.86 2.38
C ALA A 9 -18.13 -3.09 3.65
N LEU A 10 -19.41 -3.45 3.52
CA LEU A 10 -20.19 -3.85 4.68
C LEU A 10 -19.66 -5.16 5.27
N ASP A 11 -19.10 -6.02 4.42
CA ASP A 11 -18.37 -7.18 4.90
C ASP A 11 -17.02 -6.73 5.44
N PHE A 12 -17.00 -6.37 6.72
CA PHE A 12 -15.86 -5.75 7.36
C PHE A 12 -15.07 -6.79 8.17
N HIS A 13 -13.75 -6.66 8.13
CA HIS A 13 -12.86 -7.62 8.79
C HIS A 13 -12.84 -7.35 10.30
N GLU A 14 -13.93 -7.75 10.96
CA GLU A 14 -14.08 -7.68 12.41
C GLU A 14 -14.38 -9.06 12.99
N PHE A 15 -14.69 -10.02 12.11
CA PHE A 15 -15.21 -11.33 12.49
C PHE A 15 -14.33 -12.08 13.50
N PRO A 16 -13.00 -12.19 13.28
CA PRO A 16 -12.19 -12.91 14.27
C PRO A 16 -12.19 -12.24 15.64
N VAL A 17 -11.77 -10.97 15.67
CA VAL A 17 -11.75 -10.19 16.91
C VAL A 17 -12.20 -8.76 16.60
N PRO A 18 -13.13 -8.24 17.40
CA PRO A 18 -13.65 -6.89 17.14
C PRO A 18 -12.55 -5.85 17.19
N GLY A 19 -12.59 -4.92 16.22
CA GLY A 19 -11.69 -3.79 16.21
C GLY A 19 -10.38 -4.07 15.49
N LYS A 20 -10.02 -3.22 14.54
CA LYS A 20 -8.75 -3.39 13.85
C LYS A 20 -7.57 -3.30 14.81
N ILE A 21 -7.62 -2.41 15.79
CA ILE A 21 -6.57 -2.32 16.80
C ILE A 21 -6.84 -3.37 17.87
N GLN A 22 -5.75 -3.97 18.34
CA GLN A 22 -5.84 -4.95 19.43
C GLN A 22 -4.72 -4.58 20.41
N VAL A 23 -5.10 -3.88 21.48
CA VAL A 23 -4.11 -3.46 22.47
C VAL A 23 -3.53 -4.74 23.05
N SER A 24 -2.27 -5.03 22.70
CA SER A 24 -1.66 -6.30 22.98
C SER A 24 -0.22 -6.09 23.45
N PRO A 25 0.30 -6.99 24.27
CA PRO A 25 1.68 -6.81 24.77
C PRO A 25 2.69 -7.04 23.67
N THR A 26 3.43 -5.99 23.31
CA THR A 26 4.57 -6.12 22.43
C THR A 26 5.73 -6.84 23.11
N LYS A 27 5.67 -7.02 24.43
CA LYS A 27 6.63 -7.76 25.24
C LYS A 27 6.06 -9.11 25.63
N PRO A 28 6.93 -10.10 25.87
CA PRO A 28 6.44 -11.42 26.28
C PRO A 28 5.73 -11.36 27.62
N LEU A 29 4.66 -12.14 27.73
CA LEU A 29 3.87 -12.23 28.96
C LEU A 29 3.48 -13.69 29.20
N ALA A 30 4.42 -14.61 29.00
CA ALA A 30 4.15 -16.03 29.01
C ALA A 30 4.84 -16.71 30.20
N THR A 31 5.18 -15.93 31.21
CA THR A 31 5.86 -16.48 32.38
C THR A 31 5.55 -15.58 33.57
N GLN A 32 5.48 -16.20 34.76
CA GLN A 32 5.21 -15.45 35.98
C GLN A 32 6.23 -14.35 36.22
N ARG A 33 7.48 -14.56 35.79
CA ARG A 33 8.49 -13.52 35.84
C ARG A 33 8.06 -12.31 35.01
N ASP A 34 7.63 -12.56 33.77
CA ASP A 34 7.19 -11.48 32.89
C ASP A 34 5.93 -10.80 33.41
N LEU A 35 4.98 -11.55 33.96
CA LEU A 35 3.77 -10.98 34.53
C LEU A 35 4.07 -10.12 35.75
N ALA A 36 4.99 -10.56 36.61
CA ALA A 36 5.39 -9.76 37.76
C ALA A 36 6.16 -8.53 37.33
N LEU A 37 6.91 -8.62 36.23
CA LEU A 37 7.61 -7.46 35.70
C LEU A 37 6.64 -6.42 35.16
N ALA A 38 5.43 -6.85 34.82
CA ALA A 38 4.46 -5.99 34.15
C ALA A 38 3.35 -5.47 35.07
N TYR A 39 3.04 -6.17 36.15
CA TYR A 39 1.97 -5.68 37.02
C TYR A 39 2.29 -5.78 38.51
N SER A 40 3.31 -6.55 38.87
CA SER A 40 3.68 -6.73 40.26
C SER A 40 4.89 -5.85 40.54
N PRO A 41 5.41 -5.81 41.80
CA PRO A 41 6.70 -5.14 42.03
C PRO A 41 7.73 -5.52 40.98
N GLY A 42 8.16 -4.52 40.22
CA GLY A 42 8.91 -4.72 39.00
C GLY A 42 8.38 -3.80 37.92
N VAL A 43 7.08 -3.49 38.01
CA VAL A 43 6.49 -2.42 37.21
C VAL A 43 6.38 -1.12 37.98
N ALA A 44 6.57 -1.16 39.31
CA ALA A 44 6.60 0.07 40.09
C ALA A 44 7.83 0.90 39.77
N ALA A 45 8.94 0.24 39.39
CA ALA A 45 10.18 0.95 39.09
C ALA A 45 10.08 1.87 37.87
N PRO A 46 9.54 1.45 36.70
CA PRO A 46 9.41 2.39 35.59
C PRO A 46 8.53 3.58 35.92
N CYS A 47 7.43 3.33 36.64
CA CYS A 47 6.53 4.41 37.03
C CYS A 47 7.21 5.38 37.99
N LEU A 48 7.96 4.85 38.96
CA LEU A 48 8.68 5.70 39.90
C LEU A 48 9.73 6.53 39.19
N GLU A 49 10.44 5.92 38.24
CA GLU A 49 11.45 6.66 37.49
C GLU A 49 10.81 7.74 36.62
N ILE A 50 9.61 7.46 36.08
CA ILE A 50 8.88 8.48 35.33
C ILE A 50 8.50 9.63 36.25
N GLU A 51 8.02 9.30 37.45
CA GLU A 51 7.58 10.34 38.39
C GLU A 51 8.75 11.20 38.86
N LYS A 52 9.91 10.59 39.06
CA LYS A 52 11.09 11.34 39.52
C LYS A 52 11.43 12.46 38.55
N ASP A 53 11.54 12.15 37.27
CA ASP A 53 11.75 13.15 36.23
C ASP A 53 10.85 12.84 35.04
N PRO A 54 9.98 13.79 34.65
CA PRO A 54 9.01 13.50 33.58
C PRO A 54 9.64 13.27 32.21
N LEU A 55 10.98 13.31 32.15
CA LEU A 55 11.67 13.07 30.89
C LEU A 55 11.49 11.65 30.38
N LYS A 56 11.03 10.73 31.23
CA LYS A 56 10.95 9.32 30.91
C LYS A 56 9.57 8.89 30.42
N ALA A 57 8.69 9.85 30.15
CA ALA A 57 7.31 9.55 29.76
C ALA A 57 7.22 8.80 28.43
N TYR A 58 7.95 9.27 27.42
CA TYR A 58 7.90 8.68 26.10
C TYR A 58 8.73 7.41 26.02
N LYS A 59 9.54 7.16 27.05
CA LYS A 59 10.55 6.11 26.98
C LYS A 59 10.03 4.76 27.45
N TYR A 60 9.43 4.70 28.63
CA TYR A 60 9.07 3.42 29.24
C TYR A 60 7.69 2.93 28.80
N THR A 61 6.96 3.72 28.03
CA THR A 61 5.56 3.42 27.76
C THR A 61 5.28 3.73 26.29
N ALA A 62 4.00 3.81 25.95
CA ALA A 62 3.51 4.42 24.72
C ALA A 62 3.67 5.92 24.89
N ARG A 63 2.98 6.72 24.07
CA ARG A 63 3.09 8.18 24.11
C ARG A 63 4.37 8.62 23.41
N GLY A 64 5.22 7.65 23.05
CA GLY A 64 6.34 7.92 22.18
C GLY A 64 5.94 7.83 20.72
N ASN A 65 5.41 6.66 20.34
CA ASN A 65 4.85 6.43 19.01
C ASN A 65 3.35 6.65 18.99
N LEU A 66 2.71 6.72 20.15
CA LEU A 66 1.26 6.77 20.25
C LEU A 66 0.75 8.18 20.00
N VAL A 67 -0.04 8.34 18.95
CA VAL A 67 -0.95 9.48 18.86
C VAL A 67 -2.31 8.98 19.29
N ALA A 68 -3.19 9.89 19.67
CA ALA A 68 -4.58 9.54 19.81
C ALA A 68 -5.37 10.44 18.89
N VAL A 69 -6.05 9.84 17.91
CA VAL A 69 -6.94 10.60 17.05
C VAL A 69 -8.14 10.91 17.92
N ILE A 70 -8.09 12.05 18.56
CA ILE A 70 -9.08 12.41 19.57
C ILE A 70 -10.17 13.21 18.88
N SER A 71 -11.41 12.78 19.07
CA SER A 71 -12.49 13.32 18.27
C SER A 71 -13.74 13.43 19.11
N ASN A 72 -14.59 14.38 18.71
CA ASN A 72 -15.97 14.42 19.14
C ASN A 72 -16.91 13.87 18.06
N GLY A 73 -16.36 13.29 17.00
CA GLY A 73 -17.15 12.71 15.94
C GLY A 73 -18.04 13.73 15.26
N THR A 74 -17.51 14.92 14.99
CA THR A 74 -18.31 15.98 14.39
C THR A 74 -18.04 16.16 12.90
N ALA A 75 -16.88 15.77 12.39
CA ALA A 75 -16.71 15.62 10.93
C ALA A 75 -15.80 14.41 10.69
N VAL A 76 -16.42 13.23 10.60
CA VAL A 76 -15.69 11.97 10.60
C VAL A 76 -15.17 11.72 9.19
N LEU A 77 -13.90 12.06 8.96
CA LEU A 77 -13.33 12.07 7.61
C LEU A 77 -14.24 12.89 6.70
N GLY A 78 -15.13 12.22 5.97
CA GLY A 78 -16.09 12.90 5.14
C GLY A 78 -17.52 12.67 5.55
N LEU A 79 -17.75 12.09 6.73
CA LEU A 79 -19.11 11.77 7.15
C LEU A 79 -19.80 12.96 7.80
N GLY A 80 -19.25 13.46 8.91
CA GLY A 80 -19.89 14.54 9.63
C GLY A 80 -20.09 14.26 11.11
N ASN A 81 -21.16 14.81 11.69
CA ASN A 81 -21.37 14.72 13.13
C ASN A 81 -22.28 13.53 13.48
N ILE A 82 -21.69 12.34 13.38
CA ILE A 82 -22.44 11.13 13.73
C ILE A 82 -22.30 10.83 15.22
N GLY A 83 -21.21 11.28 15.83
CA GLY A 83 -20.98 11.10 17.25
C GLY A 83 -19.61 10.53 17.54
N ALA A 84 -19.22 10.65 18.81
CA ALA A 84 -17.94 10.11 19.23
C ALA A 84 -17.91 8.59 19.11
N LEU A 85 -18.76 7.90 19.89
CA LEU A 85 -18.81 6.45 19.85
C LEU A 85 -19.34 5.96 18.50
N ALA A 86 -20.32 6.67 17.94
CA ALA A 86 -20.90 6.24 16.66
C ALA A 86 -19.93 6.44 15.51
N GLY A 87 -18.89 7.22 15.70
CA GLY A 87 -17.90 7.45 14.66
C GLY A 87 -16.84 6.36 14.59
N LYS A 88 -17.00 5.35 15.45
CA LYS A 88 -15.94 4.35 15.62
C LYS A 88 -15.53 3.65 14.33
N PRO A 89 -16.45 3.30 13.39
CA PRO A 89 -15.99 2.66 12.15
C PRO A 89 -14.93 3.45 11.38
N VAL A 90 -15.25 4.69 11.00
CA VAL A 90 -14.30 5.47 10.20
C VAL A 90 -13.22 6.08 11.09
N MET A 91 -13.50 6.22 12.39
CA MET A 91 -12.44 6.48 13.36
C MET A 91 -11.33 5.43 13.28
N GLU A 92 -11.70 4.16 13.36
CA GLU A 92 -10.73 3.08 13.26
C GLU A 92 -10.17 2.98 11.85
N GLY A 93 -10.95 3.35 10.83
CA GLY A 93 -10.43 3.38 9.48
C GLY A 93 -9.32 4.41 9.29
N LYS A 94 -9.45 5.57 9.92
CA LYS A 94 -8.38 6.56 9.91
C LYS A 94 -7.20 6.11 10.77
N GLY A 95 -7.49 5.50 11.93
CA GLY A 95 -6.43 5.01 12.77
C GLY A 95 -5.66 3.84 12.22
N VAL A 96 -6.24 3.10 11.27
CA VAL A 96 -5.57 1.91 10.74
C VAL A 96 -4.60 2.25 9.64
N LEU A 97 -4.79 3.36 8.92
CA LEU A 97 -3.77 3.82 7.99
C LEU A 97 -2.83 4.79 8.69
N PHE A 98 -2.42 4.42 9.90
CA PHE A 98 -1.42 5.14 10.67
C PHE A 98 -0.35 4.14 11.07
N LYS A 99 -0.80 2.99 11.58
CA LYS A 99 0.04 1.85 11.90
C LYS A 99 0.44 1.08 10.65
N LYS A 100 -0.47 1.01 9.67
CA LYS A 100 -0.23 0.22 8.48
C LYS A 100 0.94 0.76 7.67
N PHE A 101 1.08 2.07 7.60
CA PHE A 101 2.01 2.68 6.66
C PHE A 101 3.21 3.34 7.34
N ALA A 102 3.10 3.68 8.63
CA ALA A 102 4.24 4.23 9.37
C ALA A 102 4.42 3.61 10.75
N GLY A 103 3.59 2.66 11.16
CA GLY A 103 3.69 2.11 12.50
C GLY A 103 3.35 3.07 13.62
N ILE A 104 2.27 3.84 13.47
CA ILE A 104 1.82 4.76 14.49
C ILE A 104 0.74 4.08 15.32
N ASP A 105 0.98 3.98 16.63
CA ASP A 105 -0.07 3.52 17.54
C ASP A 105 -1.16 4.59 17.65
N VAL A 106 -2.41 4.15 17.57
CA VAL A 106 -3.55 5.04 17.64
C VAL A 106 -4.52 4.50 18.69
N PHE A 107 -4.63 5.22 19.81
CA PHE A 107 -5.69 4.99 20.78
C PHE A 107 -6.93 5.74 20.31
N ASP A 108 -7.94 5.00 19.88
CA ASP A 108 -9.13 5.61 19.29
C ASP A 108 -10.11 6.08 20.36
N ILE A 109 -9.57 6.85 21.31
CA ILE A 109 -10.42 7.45 22.33
C ILE A 109 -11.17 8.63 21.75
N GLU A 110 -12.49 8.64 21.96
CA GLU A 110 -13.40 9.56 21.28
C GLU A 110 -14.12 10.38 22.33
N VAL A 111 -13.86 11.68 22.35
CA VAL A 111 -14.45 12.58 23.35
C VAL A 111 -15.93 12.74 23.08
N ASP A 112 -16.74 12.51 24.10
CA ASP A 112 -18.19 12.61 23.99
C ASP A 112 -18.69 14.04 24.16
N GLU A 113 -17.81 14.99 24.41
CA GLU A 113 -18.19 16.37 24.72
C GLU A 113 -18.11 17.19 23.45
N LEU A 114 -19.27 17.57 22.91
CA LEU A 114 -19.34 18.22 21.61
C LEU A 114 -19.32 19.73 21.68
N ASP A 115 -19.31 20.32 22.87
CA ASP A 115 -19.31 21.77 22.98
C ASP A 115 -17.93 22.30 22.62
N PRO A 116 -17.86 23.44 21.92
CA PRO A 116 -16.55 23.93 21.44
C PRO A 116 -15.63 24.42 22.54
N ASP A 117 -16.02 24.33 23.81
CA ASP A 117 -15.21 24.86 24.91
C ASP A 117 -15.00 23.81 25.99
N LYS A 118 -15.90 22.83 26.08
CA LYS A 118 -15.67 21.70 26.98
C LYS A 118 -14.90 20.57 26.31
N PHE A 119 -14.99 20.47 24.98
CA PHE A 119 -14.19 19.50 24.25
C PHE A 119 -12.70 19.71 24.51
N ILE A 120 -12.23 20.96 24.44
CA ILE A 120 -10.84 21.25 24.77
C ILE A 120 -10.52 20.86 26.20
N GLU A 121 -11.46 21.09 27.11
CA GLU A 121 -11.20 20.73 28.50
C GLU A 121 -10.98 19.24 28.65
N VAL A 122 -11.81 18.43 27.99
CA VAL A 122 -11.65 16.97 28.08
C VAL A 122 -10.34 16.54 27.41
N VAL A 123 -10.03 17.12 26.25
CA VAL A 123 -8.82 16.73 25.54
C VAL A 123 -7.56 17.07 26.36
N ALA A 124 -7.53 18.26 26.95
CA ALA A 124 -6.40 18.62 27.79
C ALA A 124 -6.36 17.77 29.05
N ALA A 125 -7.53 17.30 29.51
CA ALA A 125 -7.55 16.35 30.61
C ALA A 125 -6.88 15.04 30.22
N LEU A 126 -7.12 14.57 29.00
CA LEU A 126 -6.52 13.33 28.50
C LEU A 126 -5.15 13.54 27.85
N GLU A 127 -4.55 14.72 28.04
CA GLU A 127 -3.23 14.98 27.46
C GLU A 127 -2.14 14.02 27.95
N PRO A 128 -1.98 13.75 29.25
CA PRO A 128 -0.85 12.92 29.67
C PRO A 128 -0.87 11.51 29.10
N THR A 129 -2.02 11.05 28.61
CA THR A 129 -2.08 9.71 28.02
C THR A 129 -1.36 9.65 26.69
N PHE A 130 -1.23 10.78 26.00
CA PHE A 130 -0.80 10.79 24.62
C PHE A 130 0.35 11.77 24.40
N GLY A 131 1.33 11.33 23.61
CA GLY A 131 2.49 12.15 23.28
C GLY A 131 2.32 13.04 22.08
N GLY A 132 1.16 13.04 21.46
CA GLY A 132 0.80 13.97 20.42
C GLY A 132 -0.59 13.64 19.94
N ILE A 133 -1.50 14.60 19.96
CA ILE A 133 -2.88 14.36 19.62
C ILE A 133 -3.05 14.58 18.13
N ASN A 134 -3.94 13.80 17.53
CA ASN A 134 -4.19 13.79 16.10
C ASN A 134 -5.59 14.29 15.83
N LEU A 135 -5.91 15.43 16.44
CA LEU A 135 -7.26 15.98 16.45
C LEU A 135 -7.90 15.89 15.07
N GLU A 136 -8.95 15.08 14.99
CA GLU A 136 -9.67 14.87 13.74
C GLU A 136 -11.14 14.83 14.08
N ASP A 137 -11.98 15.03 13.06
CA ASP A 137 -13.42 15.04 13.16
C ASP A 137 -13.95 16.17 14.03
N ILE A 138 -13.11 17.14 14.34
CA ILE A 138 -13.63 18.38 14.88
C ILE A 138 -14.11 19.23 13.71
N LYS A 139 -15.38 19.59 13.73
CA LYS A 139 -16.03 20.11 12.54
C LYS A 139 -15.86 21.63 12.44
N ALA A 140 -16.19 22.16 11.27
CA ALA A 140 -16.12 23.59 11.06
C ALA A 140 -17.42 24.27 11.50
N PRO A 141 -17.33 25.51 12.00
CA PRO A 141 -16.13 26.33 12.18
C PRO A 141 -15.45 26.08 13.52
N GLU A 142 -15.97 25.15 14.32
CA GLU A 142 -15.35 24.88 15.60
C GLU A 142 -14.08 24.06 15.47
N CYS A 143 -13.73 23.58 14.27
CA CYS A 143 -12.42 22.97 14.09
C CYS A 143 -11.32 24.00 14.28
N PHE A 144 -11.41 25.14 13.57
CA PHE A 144 -10.38 26.17 13.72
C PHE A 144 -10.38 26.74 15.14
N TYR A 145 -11.57 27.00 15.68
CA TYR A 145 -11.67 27.53 17.04
C TYR A 145 -11.08 26.57 18.06
N ILE A 146 -11.48 25.31 17.97
CA ILE A 146 -11.05 24.30 18.93
C ILE A 146 -9.55 24.06 18.81
N GLU A 147 -9.05 23.97 17.58
CA GLU A 147 -7.62 23.75 17.40
C GLU A 147 -6.81 24.94 17.89
N GLN A 148 -7.30 26.16 17.64
CA GLN A 148 -6.62 27.35 18.12
C GLN A 148 -6.57 27.36 19.64
N LYS A 149 -7.67 26.99 20.29
CA LYS A 149 -7.65 26.88 21.74
C LYS A 149 -6.69 25.79 22.22
N LEU A 150 -6.67 24.65 21.54
CA LEU A 150 -5.95 23.49 22.06
C LEU A 150 -4.46 23.61 21.87
N ARG A 151 -4.02 24.30 20.81
CA ARG A 151 -2.60 24.43 20.52
C ARG A 151 -1.80 25.01 21.67
N GLU A 152 -2.42 25.88 22.48
CA GLU A 152 -1.69 26.69 23.44
C GLU A 152 -1.60 26.07 24.83
N ARG A 153 -2.19 24.90 25.05
CA ARG A 153 -2.26 24.33 26.40
C ARG A 153 -1.23 23.23 26.64
N MET A 154 -1.25 22.16 25.83
CA MET A 154 -0.32 21.06 26.06
C MET A 154 1.10 21.41 25.68
N ASN A 155 2.04 20.78 26.40
CA ASN A 155 3.47 20.85 26.10
C ASN A 155 3.94 19.64 25.29
N ILE A 156 3.03 19.02 24.55
CA ILE A 156 3.34 17.91 23.65
C ILE A 156 2.71 18.24 22.30
N PRO A 157 3.21 17.64 21.21
CA PRO A 157 2.74 18.06 19.87
C PRO A 157 1.22 18.03 19.72
N VAL A 158 0.63 19.22 19.67
CA VAL A 158 -0.79 19.37 19.40
C VAL A 158 -0.92 19.65 17.92
N PHE A 159 -1.10 18.58 17.14
CA PHE A 159 -1.17 18.68 15.69
C PHE A 159 -2.54 18.20 15.27
N HIS A 160 -3.38 19.12 14.83
CA HIS A 160 -4.67 18.77 14.29
C HIS A 160 -4.51 17.91 13.04
N ASP A 161 -5.63 17.34 12.59
CA ASP A 161 -5.74 16.74 11.28
C ASP A 161 -6.02 17.84 10.25
N ASP A 162 -6.61 17.48 9.11
CA ASP A 162 -6.51 18.21 7.86
C ASP A 162 -6.38 19.73 7.98
N GLN A 163 -7.03 20.34 8.98
CA GLN A 163 -6.89 21.76 9.25
C GLN A 163 -5.43 22.21 9.18
N HIS A 164 -4.56 21.58 9.98
CA HIS A 164 -3.12 21.71 9.73
C HIS A 164 -2.76 20.87 8.51
N GLY A 165 -2.92 19.57 8.61
CA GLY A 165 -3.04 18.64 7.52
C GLY A 165 -2.35 18.83 6.18
N THR A 166 -3.18 18.79 5.14
CA THR A 166 -2.75 18.63 3.77
C THR A 166 -2.02 19.87 3.26
N ALA A 167 -2.02 20.93 4.08
CA ALA A 167 -1.27 22.13 3.77
C ALA A 167 0.17 21.79 3.39
N ILE A 168 0.75 20.83 4.11
CA ILE A 168 2.10 20.36 3.79
C ILE A 168 2.13 19.79 2.37
N ILE A 169 1.20 18.87 2.07
CA ILE A 169 1.14 18.31 0.73
C ILE A 169 0.69 19.37 -0.27
N SER A 170 -0.29 20.20 0.12
CA SER A 170 -0.78 21.22 -0.80
C SER A 170 0.30 22.25 -1.14
N THR A 171 1.03 22.73 -0.14
CA THR A 171 2.04 23.74 -0.41
C THR A 171 3.26 23.13 -1.09
N ALA A 172 3.53 21.85 -0.83
CA ALA A 172 4.54 21.14 -1.60
C ALA A 172 4.12 21.05 -3.08
N ALA A 173 2.86 20.75 -3.32
CA ALA A 173 2.35 20.70 -4.69
C ALA A 173 2.44 22.07 -5.35
N ILE A 174 2.18 23.13 -4.60
CA ILE A 174 2.32 24.48 -5.13
C ILE A 174 3.78 24.77 -5.48
N LEU A 175 4.70 24.41 -4.58
CA LEU A 175 6.11 24.65 -4.81
C LEU A 175 6.62 23.92 -6.04
N ASN A 176 6.12 22.71 -6.29
CA ASN A 176 6.49 21.98 -7.49
C ASN A 176 5.78 22.50 -8.74
N GLY A 177 4.53 22.93 -8.62
CA GLY A 177 3.82 23.41 -9.79
C GLY A 177 4.38 24.72 -10.31
N LEU A 178 4.73 25.64 -9.40
CA LEU A 178 5.43 26.84 -9.82
C LEU A 178 6.77 26.52 -10.45
N ARG A 179 7.41 25.42 -10.03
CA ARG A 179 8.62 24.95 -10.70
C ARG A 179 8.32 24.48 -12.11
N VAL A 180 7.16 23.81 -12.29
CA VAL A 180 6.83 23.22 -13.59
C VAL A 180 6.68 24.31 -14.65
N VAL A 181 5.97 25.39 -14.33
CA VAL A 181 5.69 26.44 -15.30
C VAL A 181 6.68 27.60 -15.21
N GLU A 182 7.85 27.37 -14.61
CA GLU A 182 8.95 28.33 -14.48
C GLU A 182 8.43 29.72 -14.08
N LYS A 183 7.57 29.73 -13.08
CA LYS A 183 7.03 30.96 -12.50
C LYS A 183 7.65 31.18 -11.13
N ASN A 184 7.22 32.25 -10.45
CA ASN A 184 7.71 32.60 -9.14
C ASN A 184 6.55 32.91 -8.21
N ILE A 185 6.74 32.61 -6.93
CA ILE A 185 5.70 32.84 -5.93
C ILE A 185 5.37 34.32 -5.77
N SER A 186 6.26 35.21 -6.19
CA SER A 186 6.07 36.64 -5.95
C SER A 186 4.84 37.17 -6.68
N ASP A 187 4.64 36.77 -7.94
CA ASP A 187 3.60 37.35 -8.77
C ASP A 187 2.43 36.40 -9.04
N VAL A 188 2.34 35.27 -8.33
CA VAL A 188 1.27 34.32 -8.60
C VAL A 188 -0.03 34.82 -7.99
N ARG A 189 -1.13 34.64 -8.73
CA ARG A 189 -2.46 34.96 -8.25
C ARG A 189 -3.25 33.68 -8.02
N MET A 190 -4.23 33.75 -7.12
CA MET A 190 -4.91 32.56 -6.63
C MET A 190 -6.42 32.77 -6.61
N VAL A 191 -7.15 31.66 -6.71
CA VAL A 191 -8.60 31.63 -6.57
C VAL A 191 -8.95 30.48 -5.65
N VAL A 192 -9.68 30.78 -4.58
CA VAL A 192 -10.09 29.80 -3.59
C VAL A 192 -11.61 29.76 -3.57
N SER A 193 -12.18 28.55 -3.56
CA SER A 193 -13.62 28.36 -3.58
C SER A 193 -14.02 27.39 -2.47
N GLY A 194 -15.13 27.69 -1.81
CA GLY A 194 -15.63 26.81 -0.77
C GLY A 194 -14.75 26.75 0.46
N ALA A 195 -14.69 27.85 1.22
CA ALA A 195 -13.80 27.94 2.38
C ALA A 195 -14.35 27.04 3.48
N GLY A 196 -13.96 25.77 3.41
CA GLY A 196 -14.42 24.78 4.36
C GLY A 196 -13.43 24.51 5.48
N ALA A 197 -13.46 23.29 6.03
CA ALA A 197 -12.60 22.94 7.16
C ALA A 197 -11.13 22.88 6.73
N ALA A 198 -10.86 22.18 5.64
CA ALA A 198 -9.49 22.01 5.17
C ALA A 198 -9.13 22.98 4.06
N ALA A 199 -10.00 23.92 3.74
CA ALA A 199 -9.75 24.89 2.67
C ALA A 199 -9.27 26.23 3.20
N ILE A 200 -10.02 26.85 4.12
CA ILE A 200 -9.71 28.22 4.54
C ILE A 200 -8.38 28.27 5.30
N ALA A 201 -7.89 27.13 5.79
CA ALA A 201 -6.66 27.13 6.55
C ALA A 201 -5.45 26.82 5.67
N CYS A 202 -5.64 26.60 4.38
CA CYS A 202 -4.55 26.12 3.53
C CYS A 202 -3.73 27.27 2.97
N MET A 203 -4.40 28.34 2.52
CA MET A 203 -3.66 29.49 2.00
C MET A 203 -2.78 30.12 3.08
N ASN A 204 -3.13 29.92 4.35
CA ASN A 204 -2.31 30.46 5.44
C ASN A 204 -0.90 29.89 5.39
N LEU A 205 -0.78 28.57 5.20
CA LEU A 205 0.53 28.01 4.91
C LEU A 205 1.03 28.47 3.55
N LEU A 206 0.16 28.48 2.54
CA LEU A 206 0.59 28.85 1.20
C LEU A 206 1.22 30.24 1.18
N VAL A 207 0.79 31.11 2.09
CA VAL A 207 1.43 32.42 2.25
C VAL A 207 2.83 32.27 2.82
N ALA A 208 3.04 31.29 3.70
CA ALA A 208 4.28 31.22 4.47
C ALA A 208 5.50 30.98 3.58
N LEU A 209 5.30 30.57 2.33
CA LEU A 209 6.41 30.35 1.42
C LEU A 209 7.10 31.64 0.99
N GLY A 210 6.60 32.80 1.40
CA GLY A 210 7.11 34.06 0.91
C GLY A 210 6.11 34.73 0.00
N LEU A 211 4.84 34.61 0.34
CA LEU A 211 3.72 34.97 -0.52
C LEU A 211 3.04 36.23 0.02
N GLN A 212 2.78 37.19 -0.86
CA GLN A 212 2.06 38.38 -0.46
C GLN A 212 0.58 38.07 -0.26
N LYS A 213 0.00 38.65 0.80
CA LYS A 213 -1.40 38.37 1.12
C LYS A 213 -2.37 38.89 0.08
N HIS A 214 -2.03 39.99 -0.60
CA HIS A 214 -2.99 40.62 -1.50
C HIS A 214 -3.25 39.81 -2.76
N ASN A 215 -2.49 38.74 -3.01
CA ASN A 215 -2.65 37.94 -4.20
C ASN A 215 -3.67 36.81 -4.05
N ILE A 216 -4.20 36.61 -2.85
CA ILE A 216 -5.14 35.52 -2.59
C ILE A 216 -6.56 36.07 -2.62
N VAL A 217 -7.44 35.39 -3.33
CA VAL A 217 -8.85 35.75 -3.40
C VAL A 217 -9.65 34.61 -2.80
N VAL A 218 -10.18 34.81 -1.60
CA VAL A 218 -10.96 33.82 -0.89
C VAL A 218 -12.42 33.93 -1.31
N CYS A 219 -13.07 32.79 -1.50
CA CYS A 219 -14.49 32.74 -1.83
C CYS A 219 -15.15 31.61 -1.07
N ASP A 220 -16.48 31.66 -1.01
CA ASP A 220 -17.28 30.65 -0.35
C ASP A 220 -18.53 30.42 -1.21
N SER A 221 -19.54 29.78 -0.62
CA SER A 221 -20.80 29.60 -1.32
C SER A 221 -21.43 30.95 -1.66
N LYS A 222 -21.26 31.94 -0.79
CA LYS A 222 -21.85 33.27 -0.98
C LYS A 222 -20.91 34.19 -1.77
N GLY A 223 -20.70 33.82 -3.03
CA GLY A 223 -19.94 34.66 -3.95
C GLY A 223 -18.46 34.76 -3.67
N VAL A 224 -17.96 35.97 -3.45
CA VAL A 224 -16.55 36.24 -3.28
C VAL A 224 -16.34 36.98 -1.96
N ILE A 225 -15.40 36.49 -1.16
CA ILE A 225 -15.08 37.12 0.12
C ILE A 225 -13.97 38.14 -0.06
N TYR A 226 -14.33 39.37 -0.40
CA TYR A 226 -13.38 40.44 -0.62
C TYR A 226 -13.76 41.66 0.21
N GLN A 227 -12.77 42.52 0.46
CA GLN A 227 -12.94 43.68 1.33
C GLN A 227 -13.77 44.75 0.63
N GLY A 228 -15.01 44.91 1.07
CA GLY A 228 -15.94 45.81 0.43
C GLY A 228 -17.24 45.12 0.09
N ARG A 229 -17.20 43.79 0.05
CA ARG A 229 -18.41 43.01 -0.22
C ARG A 229 -19.38 43.08 0.95
N GLU A 230 -18.96 42.59 2.11
CA GLU A 230 -19.82 42.65 3.29
C GLU A 230 -19.37 43.76 4.21
N PRO A 231 -20.33 44.50 4.80
CA PRO A 231 -19.96 45.56 5.75
C PRO A 231 -19.13 45.05 6.92
N ASN A 232 -19.43 43.84 7.41
CA ASN A 232 -18.63 43.19 8.45
C ASN A 232 -17.62 42.29 7.76
N MET A 233 -16.34 42.67 7.86
CA MET A 233 -15.29 41.94 7.16
C MET A 233 -15.08 40.58 7.81
N ALA A 234 -15.05 39.53 7.00
CA ALA A 234 -14.87 38.19 7.52
C ALA A 234 -13.46 38.02 8.08
N GLU A 235 -13.38 37.36 9.23
CA GLU A 235 -12.10 37.12 9.88
C GLU A 235 -11.28 36.11 9.09
N THR A 236 -9.95 36.18 9.28
CA THR A 236 -8.93 35.33 8.65
C THR A 236 -8.99 35.36 7.13
N LYS A 237 -9.80 36.24 6.55
CA LYS A 237 -9.97 36.35 5.11
C LYS A 237 -9.84 37.78 4.59
N ALA A 238 -9.94 38.79 5.47
CA ALA A 238 -9.85 40.17 5.01
C ALA A 238 -8.41 40.58 4.71
N ALA A 239 -7.44 39.86 5.28
CA ALA A 239 -6.04 40.17 4.99
C ALA A 239 -5.73 39.96 3.52
N TYR A 240 -6.34 38.94 2.91
CA TYR A 240 -6.15 38.65 1.50
C TYR A 240 -7.13 39.41 0.63
N ALA A 241 -8.12 40.05 1.24
CA ALA A 241 -9.28 40.55 0.50
C ALA A 241 -8.90 41.76 -0.35
N VAL A 242 -9.16 41.65 -1.66
CA VAL A 242 -8.81 42.69 -2.62
C VAL A 242 -9.79 43.84 -2.49
N VAL A 243 -9.40 45.01 -3.01
CA VAL A 243 -10.26 46.17 -2.99
C VAL A 243 -11.50 45.93 -3.86
N ASP A 244 -12.58 46.65 -3.55
CA ASP A 244 -13.82 46.49 -4.29
C ASP A 244 -13.66 46.99 -5.72
N ASP A 245 -14.10 46.17 -6.68
CA ASP A 245 -14.01 46.54 -8.09
C ASP A 245 -15.25 46.14 -8.89
N GLY A 246 -16.36 45.84 -8.24
CA GLY A 246 -17.57 45.47 -8.95
C GLY A 246 -17.59 44.05 -9.48
N LYS A 247 -16.64 43.21 -9.07
CA LYS A 247 -16.57 41.83 -9.53
C LYS A 247 -17.44 40.98 -8.61
N ARG A 248 -18.67 40.71 -9.05
CA ARG A 248 -19.64 40.01 -8.23
C ARG A 248 -19.84 38.55 -8.64
N THR A 249 -19.33 38.15 -9.81
CA THR A 249 -19.46 36.78 -10.26
C THR A 249 -18.09 36.14 -10.33
N LEU A 250 -18.04 34.85 -10.01
CA LEU A 250 -16.76 34.13 -10.04
C LEU A 250 -16.21 33.99 -11.45
N ASP A 251 -17.08 33.97 -12.48
CA ASP A 251 -16.61 33.74 -13.84
C ASP A 251 -15.72 34.87 -14.35
N ASP A 252 -15.67 36.01 -13.67
CA ASP A 252 -14.85 37.13 -14.09
C ASP A 252 -13.70 37.46 -13.14
N VAL A 253 -13.72 36.95 -11.91
CA VAL A 253 -12.72 37.34 -10.92
C VAL A 253 -11.39 36.66 -11.23
N ILE A 254 -11.36 35.88 -12.31
CA ILE A 254 -10.11 35.23 -12.70
C ILE A 254 -9.07 36.27 -13.11
N GLU A 255 -9.35 37.00 -14.19
CA GLU A 255 -8.46 38.03 -14.71
C GLU A 255 -7.03 37.51 -14.86
N GLY A 256 -6.89 36.27 -15.33
CA GLY A 256 -5.58 35.67 -15.47
C GLY A 256 -4.91 35.35 -14.14
N ALA A 257 -5.52 34.47 -13.36
CA ALA A 257 -4.95 34.04 -12.10
C ALA A 257 -3.92 32.95 -12.35
N ASP A 258 -3.40 32.34 -11.29
CA ASP A 258 -2.36 31.33 -11.42
C ASP A 258 -2.55 30.08 -10.56
N ILE A 259 -3.44 30.11 -9.56
CA ILE A 259 -3.66 28.95 -8.68
C ILE A 259 -5.14 28.86 -8.34
N PHE A 260 -5.62 27.62 -8.21
CA PHE A 260 -6.98 27.31 -7.79
C PHE A 260 -6.96 26.37 -6.57
N LEU A 261 -6.22 26.76 -5.54
CA LEU A 261 -6.22 25.99 -4.30
C LEU A 261 -7.58 26.02 -3.64
N GLY A 262 -8.25 24.88 -3.58
CA GLY A 262 -9.55 24.79 -2.95
C GLY A 262 -9.90 23.39 -2.49
N CYS A 263 -10.34 23.25 -1.23
CA CYS A 263 -10.76 21.97 -0.67
C CYS A 263 -12.21 22.11 -0.26
N SER A 264 -13.12 21.78 -1.18
CA SER A 264 -14.53 22.05 -0.99
C SER A 264 -15.34 20.93 -1.64
N GLY A 265 -16.62 21.18 -1.89
CA GLY A 265 -17.52 20.18 -2.40
C GLY A 265 -17.68 20.20 -3.90
N PRO A 266 -18.85 20.62 -4.37
CA PRO A 266 -19.18 20.48 -5.79
C PRO A 266 -18.38 21.45 -6.66
N LYS A 267 -18.64 21.36 -7.96
CA LYS A 267 -17.89 22.16 -8.93
C LYS A 267 -18.26 23.63 -8.84
N VAL A 268 -17.25 24.49 -8.99
CA VAL A 268 -17.48 25.92 -9.17
C VAL A 268 -16.81 26.46 -10.43
N LEU A 269 -15.76 25.81 -10.93
CA LEU A 269 -15.00 26.30 -12.07
C LEU A 269 -15.54 25.73 -13.38
N THR A 270 -15.42 26.52 -14.44
CA THR A 270 -15.90 26.16 -15.77
C THR A 270 -14.75 26.22 -16.78
N GLN A 271 -15.05 25.84 -18.02
CA GLN A 271 -14.01 25.80 -19.06
C GLN A 271 -13.64 27.21 -19.53
N GLU A 272 -14.65 28.06 -19.74
CA GLU A 272 -14.36 29.45 -20.09
C GLU A 272 -13.65 30.17 -18.95
N MET A 273 -13.93 29.77 -17.71
CA MET A 273 -13.20 30.27 -16.56
C MET A 273 -11.73 29.93 -16.65
N VAL A 274 -11.43 28.69 -17.06
CA VAL A 274 -10.03 28.27 -17.24
C VAL A 274 -9.41 29.01 -18.41
N LYS A 275 -10.19 29.28 -19.46
CA LYS A 275 -9.68 30.05 -20.59
C LYS A 275 -9.31 31.46 -20.17
N LYS A 276 -10.12 32.08 -19.30
CA LYS A 276 -9.80 33.42 -18.81
C LYS A 276 -8.53 33.43 -17.97
N MET A 277 -8.09 32.27 -17.48
CA MET A 277 -6.86 32.18 -16.73
C MET A 277 -5.67 32.58 -17.61
N ALA A 278 -4.58 32.95 -16.96
CA ALA A 278 -3.38 33.39 -17.67
C ALA A 278 -2.73 32.19 -18.35
N ARG A 279 -1.59 32.44 -19.00
CA ARG A 279 -0.87 31.36 -19.64
C ARG A 279 -0.40 30.33 -18.61
N ALA A 280 -0.41 29.06 -19.00
CA ALA A 280 -0.05 27.93 -18.16
C ALA A 280 -0.91 27.88 -16.91
N PRO A 281 -2.20 27.55 -17.03
CA PRO A 281 -3.07 27.46 -15.85
C PRO A 281 -2.62 26.35 -14.90
N MET A 282 -2.92 26.53 -13.62
CA MET A 282 -2.51 25.64 -12.54
C MET A 282 -3.70 25.26 -11.68
N ILE A 283 -4.76 24.77 -12.32
CA ILE A 283 -5.95 24.35 -11.58
C ILE A 283 -5.58 23.25 -10.60
N LEU A 284 -6.05 23.38 -9.35
CA LEU A 284 -5.73 22.42 -8.29
C LEU A 284 -7.01 22.00 -7.59
N ALA A 285 -7.99 21.55 -8.37
CA ALA A 285 -9.28 21.12 -7.82
C ALA A 285 -9.11 19.89 -6.94
N LEU A 286 -9.28 20.06 -5.62
CA LEU A 286 -9.04 19.00 -4.65
C LEU A 286 -10.32 18.32 -4.19
N ALA A 287 -11.45 18.53 -4.87
CA ALA A 287 -12.69 17.91 -4.45
C ALA A 287 -12.66 16.40 -4.69
N ASN A 288 -12.97 15.64 -3.63
CA ASN A 288 -12.92 14.18 -3.67
C ASN A 288 -14.15 13.57 -4.35
N PRO A 289 -15.39 13.97 -4.01
CA PRO A 289 -16.55 13.34 -4.69
C PRO A 289 -16.52 13.52 -6.20
N GLU A 290 -16.48 14.76 -6.67
CA GLU A 290 -16.40 15.06 -8.08
C GLU A 290 -15.38 16.17 -8.29
N PRO A 291 -14.40 15.95 -9.17
CA PRO A 291 -13.43 17.02 -9.44
C PRO A 291 -14.13 18.27 -9.96
N GLU A 292 -13.63 19.42 -9.53
CA GLU A 292 -14.28 20.69 -9.83
C GLU A 292 -14.12 21.13 -11.28
N ILE A 293 -13.33 20.41 -12.08
CA ILE A 293 -13.09 20.81 -13.46
C ILE A 293 -13.28 19.69 -14.47
N LEU A 294 -13.52 18.44 -14.04
CA LEU A 294 -13.57 17.29 -14.95
C LEU A 294 -12.29 17.27 -15.79
N PRO A 295 -11.16 16.85 -15.21
CA PRO A 295 -9.84 17.09 -15.81
C PRO A 295 -9.76 16.70 -17.28
N PRO A 296 -10.35 15.56 -17.71
CA PRO A 296 -10.29 15.26 -19.15
C PRO A 296 -10.93 16.32 -20.03
N LEU A 297 -12.08 16.86 -19.62
CA LEU A 297 -12.76 17.85 -20.44
C LEU A 297 -11.94 19.14 -20.54
N ALA A 298 -11.43 19.62 -19.40
CA ALA A 298 -10.61 20.82 -19.41
C ALA A 298 -9.32 20.63 -20.18
N LYS A 299 -8.71 19.43 -20.07
CA LYS A 299 -7.49 19.15 -20.81
C LYS A 299 -7.74 19.12 -22.31
N GLU A 300 -8.90 18.61 -22.73
CA GLU A 300 -9.27 18.75 -24.14
C GLU A 300 -9.52 20.20 -24.52
N VAL A 301 -10.05 21.00 -23.59
CA VAL A 301 -10.24 22.42 -23.87
C VAL A 301 -8.90 23.13 -23.97
N ARG A 302 -8.02 22.92 -23.00
CA ARG A 302 -6.70 23.55 -22.99
C ARG A 302 -5.62 22.53 -22.66
N PRO A 303 -4.50 22.57 -23.37
CA PRO A 303 -3.39 21.66 -23.07
C PRO A 303 -2.53 22.15 -21.91
N ASP A 304 -1.40 21.48 -21.67
CA ASP A 304 -0.42 21.80 -20.64
C ASP A 304 -1.06 22.18 -19.31
N ALA A 305 -2.07 21.42 -18.90
CA ALA A 305 -2.74 21.64 -17.62
C ALA A 305 -1.90 21.04 -16.49
N ILE A 306 -2.05 21.62 -15.30
CA ILE A 306 -1.33 21.18 -14.12
C ILE A 306 -2.35 20.72 -13.08
N ILE A 307 -3.44 20.13 -13.56
CA ILE A 307 -4.56 19.76 -12.69
C ILE A 307 -4.07 18.80 -11.62
N CYS A 308 -4.38 19.13 -10.37
CA CYS A 308 -4.03 18.31 -9.21
C CYS A 308 -5.29 18.01 -8.43
N THR A 309 -5.48 16.73 -8.09
CA THR A 309 -6.67 16.29 -7.36
C THR A 309 -6.20 15.52 -6.12
N GLY A 310 -7.16 15.03 -5.35
CA GLY A 310 -6.85 14.28 -4.15
C GLY A 310 -7.23 12.82 -4.24
N ARG A 311 -7.63 12.38 -5.44
CA ARG A 311 -8.04 11.00 -5.66
C ARG A 311 -6.89 10.20 -6.24
N SER A 312 -6.80 8.92 -5.84
CA SER A 312 -5.69 8.07 -6.24
C SER A 312 -5.81 7.52 -7.65
N ASP A 313 -6.94 7.75 -8.32
CA ASP A 313 -7.09 7.28 -9.70
C ASP A 313 -6.14 7.98 -10.64
N TYR A 314 -5.66 9.15 -10.26
CA TYR A 314 -4.76 9.97 -11.06
C TYR A 314 -3.52 10.30 -10.25
N PRO A 315 -2.40 10.60 -10.90
CA PRO A 315 -1.18 10.95 -10.16
C PRO A 315 -1.38 12.22 -9.35
N ASN A 316 -0.41 12.48 -8.47
CA ASN A 316 -0.41 13.64 -7.58
C ASN A 316 -1.63 13.62 -6.66
N GLN A 317 -1.71 12.57 -5.87
CA GLN A 317 -2.81 12.36 -4.93
C GLN A 317 -2.39 12.88 -3.55
N VAL A 318 -3.32 13.56 -2.89
CA VAL A 318 -3.08 14.11 -1.56
C VAL A 318 -3.84 13.26 -0.55
N ASN A 319 -3.15 12.27 0.02
CA ASN A 319 -3.74 11.47 1.10
C ASN A 319 -3.14 11.89 2.43
N ASN A 320 -3.65 11.33 3.51
CA ASN A 320 -3.09 11.58 4.84
C ASN A 320 -1.78 10.82 4.95
N VAL A 321 -1.74 9.61 4.37
CA VAL A 321 -0.54 8.78 4.38
C VAL A 321 0.64 9.50 3.73
N LEU A 322 0.37 10.53 2.93
CA LEU A 322 1.45 11.28 2.30
C LEU A 322 2.42 11.81 3.36
N CYS A 323 1.89 12.52 4.36
CA CYS A 323 2.74 13.00 5.45
C CYS A 323 2.17 12.85 6.86
N PHE A 324 0.85 12.68 7.05
CA PHE A 324 0.32 12.65 8.42
C PHE A 324 0.97 11.61 9.33
N PRO A 325 1.06 10.33 8.94
CA PRO A 325 1.75 9.39 9.81
C PRO A 325 3.22 9.76 9.86
N PHE A 326 3.71 10.34 8.76
CA PHE A 326 5.12 10.67 8.67
C PHE A 326 5.42 12.02 9.31
N ILE A 327 4.42 12.93 9.38
CA ILE A 327 4.60 14.13 10.19
C ILE A 327 4.84 13.76 11.64
N PHE A 328 3.97 12.89 12.19
CA PHE A 328 4.14 12.47 13.58
C PHE A 328 5.38 11.60 13.71
N ARG A 329 5.75 10.88 12.65
CA ARG A 329 7.04 10.21 12.62
C ARG A 329 8.17 11.23 12.66
N GLY A 330 7.88 12.48 12.31
CA GLY A 330 8.80 13.57 12.52
C GLY A 330 8.48 14.33 13.81
N ALA A 331 7.19 14.44 14.13
CA ALA A 331 6.78 15.19 15.31
C ALA A 331 7.06 14.44 16.60
N LEU A 332 6.46 13.26 16.75
CA LEU A 332 6.67 12.48 17.97
C LEU A 332 8.09 11.95 18.10
N ASP A 333 8.72 11.55 17.01
CA ASP A 333 10.06 10.98 17.04
C ASP A 333 11.15 12.03 17.15
N VAL A 334 10.79 13.30 17.36
CA VAL A 334 11.78 14.34 17.62
C VAL A 334 11.66 14.90 19.04
N GLY A 335 10.53 14.68 19.72
CA GLY A 335 10.33 15.20 21.05
C GLY A 335 9.81 16.61 21.10
N ALA A 336 9.21 17.12 20.02
CA ALA A 336 8.69 18.49 19.99
C ALA A 336 7.62 18.68 21.05
N THR A 337 7.44 19.92 21.47
CA THR A 337 6.30 20.24 22.33
C THR A 337 5.09 20.74 21.55
N ALA A 338 5.25 20.97 20.25
CA ALA A 338 4.18 21.40 19.37
C ALA A 338 4.70 21.37 17.95
N ILE A 339 3.83 21.69 17.00
CA ILE A 339 4.20 21.77 15.59
C ILE A 339 4.05 23.21 15.14
N ASN A 340 5.16 23.81 14.74
CA ASN A 340 5.20 25.19 14.30
C ASN A 340 4.85 25.25 12.82
N GLU A 341 5.03 26.41 12.21
CA GLU A 341 4.90 26.54 10.76
C GLU A 341 6.17 26.16 10.02
N GLU A 342 7.30 26.06 10.71
CA GLU A 342 8.51 25.57 10.07
C GLU A 342 8.46 24.05 9.92
N MET A 343 7.87 23.36 10.91
CA MET A 343 7.49 21.97 10.74
C MET A 343 6.65 21.79 9.49
N LYS A 344 5.68 22.68 9.32
CA LYS A 344 4.69 22.56 8.27
C LYS A 344 5.25 22.98 6.92
N LEU A 345 6.43 23.62 6.93
CA LEU A 345 7.02 24.16 5.71
C LEU A 345 8.25 23.40 5.24
N ALA A 346 9.03 22.83 6.16
CA ALA A 346 10.17 22.02 5.74
C ALA A 346 9.74 20.67 5.19
N ALA A 347 8.64 20.12 5.71
CA ALA A 347 8.02 18.94 5.10
C ALA A 347 7.39 19.27 3.75
N VAL A 348 7.14 20.55 3.47
CA VAL A 348 6.78 20.99 2.13
C VAL A 348 7.97 20.87 1.17
N ARG A 349 9.17 21.11 1.68
CA ARG A 349 10.38 21.05 0.87
C ARG A 349 10.90 19.63 0.71
N ALA A 350 10.26 18.63 1.30
CA ALA A 350 10.66 17.24 1.13
C ALA A 350 9.81 16.49 0.13
N ILE A 351 8.50 16.47 0.29
CA ILE A 351 7.61 15.83 -0.67
C ILE A 351 7.60 16.55 -2.01
N ALA A 352 7.67 17.87 -2.03
CA ALA A 352 7.88 18.59 -3.29
C ALA A 352 9.23 18.26 -3.92
N GLU A 353 10.28 18.12 -3.11
CA GLU A 353 11.56 17.68 -3.66
C GLU A 353 11.47 16.29 -4.25
N LEU A 354 10.70 15.40 -3.61
CA LEU A 354 10.67 14.00 -4.02
C LEU A 354 10.14 13.83 -5.44
N ALA A 355 9.13 14.60 -5.83
CA ALA A 355 8.50 14.39 -7.13
C ALA A 355 9.48 14.58 -8.28
N HIS A 356 10.35 15.58 -8.18
CA HIS A 356 11.37 15.81 -9.20
C HIS A 356 12.70 15.17 -8.81
N ALA A 357 12.70 14.37 -7.76
CA ALA A 357 13.89 13.62 -7.34
C ALA A 357 13.48 12.20 -6.97
N GLU A 358 12.62 11.59 -7.78
CA GLU A 358 12.20 10.20 -7.59
C GLU A 358 12.89 9.34 -8.64
N GLN A 359 13.59 8.31 -8.18
CA GLN A 359 14.31 7.42 -9.08
C GLN A 359 14.69 6.16 -8.31
N SER A 360 14.97 5.09 -9.08
CA SER A 360 15.52 3.84 -8.58
C SER A 360 14.61 3.26 -7.51
N GLU A 361 15.10 2.95 -6.30
CA GLU A 361 14.30 2.39 -5.21
C GLU A 361 13.68 1.05 -5.61
N VAL A 362 14.52 0.17 -6.15
CA VAL A 362 14.14 -1.17 -6.61
C VAL A 362 12.82 -1.12 -7.36
N VAL A 363 12.82 -0.48 -8.52
CA VAL A 363 11.64 -0.50 -9.38
C VAL A 363 11.34 -1.94 -9.76
N ALA A 364 10.06 -2.30 -9.74
CA ALA A 364 9.65 -3.64 -10.13
C ALA A 364 10.12 -3.94 -11.55
N SER A 365 11.06 -4.88 -11.67
CA SER A 365 11.72 -5.15 -12.94
C SER A 365 10.70 -5.46 -14.03
N ALA A 366 9.80 -6.40 -13.77
CA ALA A 366 8.55 -6.53 -14.50
C ALA A 366 7.44 -6.09 -13.57
N TYR A 367 6.20 -6.23 -14.03
CA TYR A 367 5.01 -5.86 -13.25
C TYR A 367 5.03 -4.36 -12.97
N GLY A 368 4.09 -3.89 -12.17
CA GLY A 368 4.15 -2.52 -11.68
C GLY A 368 3.83 -1.44 -12.70
N ASP A 369 4.72 -1.28 -13.69
CA ASP A 369 4.60 -0.23 -14.70
C ASP A 369 4.57 1.15 -14.06
N GLN A 370 5.63 1.49 -13.32
CA GLN A 370 5.72 2.75 -12.60
C GLN A 370 5.57 3.93 -13.57
N ASP A 371 6.54 4.10 -14.46
CA ASP A 371 6.50 5.11 -15.52
C ASP A 371 6.16 6.50 -14.97
N LEU A 372 6.98 6.93 -14.02
CA LEU A 372 6.76 8.20 -13.33
C LEU A 372 7.92 9.14 -13.62
N SER A 373 7.63 10.22 -14.33
CA SER A 373 8.60 11.26 -14.63
C SER A 373 8.00 12.62 -14.30
N PHE A 374 8.82 13.49 -13.71
CA PHE A 374 8.35 14.81 -13.30
C PHE A 374 7.91 15.62 -14.51
N GLY A 375 6.77 16.29 -14.38
CA GLY A 375 6.23 17.08 -15.46
C GLY A 375 4.83 17.59 -15.19
N PRO A 376 4.11 17.95 -16.25
CA PRO A 376 2.74 18.48 -16.07
C PRO A 376 1.78 17.47 -15.43
N GLU A 377 2.03 16.17 -15.59
CA GLU A 377 1.17 15.14 -15.00
C GLU A 377 1.76 14.56 -13.72
N TYR A 378 2.85 15.14 -13.20
CA TYR A 378 3.50 14.63 -11.98
C TYR A 378 3.99 15.83 -11.18
N ILE A 379 3.30 16.13 -10.09
CA ILE A 379 3.60 17.28 -9.24
C ILE A 379 4.11 16.84 -7.87
N ILE A 380 3.47 15.83 -7.29
CA ILE A 380 3.86 15.28 -5.99
C ILE A 380 3.85 13.77 -6.10
N PRO A 381 4.62 13.07 -5.25
CA PRO A 381 4.70 11.61 -5.36
C PRO A 381 3.35 10.94 -5.20
N LYS A 382 3.30 9.69 -5.64
CA LYS A 382 2.07 8.91 -5.51
C LYS A 382 1.81 8.58 -4.05
N PRO A 383 0.56 8.27 -3.68
CA PRO A 383 0.20 8.11 -2.26
C PRO A 383 1.17 7.30 -1.42
N PHE A 384 1.67 6.19 -1.95
CA PHE A 384 2.41 5.23 -1.15
C PHE A 384 3.82 5.09 -1.74
N ASP A 385 4.84 5.33 -0.93
CA ASP A 385 6.21 5.34 -1.41
C ASP A 385 7.19 4.92 -0.32
N PRO A 386 8.18 4.07 -0.63
CA PRO A 386 9.14 3.64 0.39
C PRO A 386 10.00 4.75 0.98
N ARG A 387 10.13 5.88 0.27
CA ARG A 387 10.83 7.02 0.86
C ARG A 387 9.94 8.21 1.12
N LEU A 388 8.62 8.05 1.05
CA LEU A 388 7.70 9.11 1.44
C LEU A 388 7.82 9.32 2.94
N ILE A 389 8.51 8.39 3.60
CA ILE A 389 8.77 8.42 5.03
C ILE A 389 10.16 8.98 5.29
N VAL A 390 11.18 8.34 4.71
CA VAL A 390 12.56 8.68 5.03
C VAL A 390 12.98 10.01 4.46
N LYS A 391 12.07 10.74 3.81
CA LYS A 391 12.29 12.10 3.37
C LYS A 391 11.40 13.11 4.07
N ILE A 392 10.16 12.74 4.38
CA ILE A 392 9.24 13.68 5.01
C ILE A 392 9.42 13.71 6.52
N ALA A 393 9.50 12.54 7.16
CA ALA A 393 9.73 12.52 8.60
C ALA A 393 11.02 13.19 9.01
N PRO A 394 12.18 12.91 8.38
CA PRO A 394 13.38 13.67 8.73
C PRO A 394 13.26 15.15 8.41
N ALA A 395 12.46 15.54 7.42
CA ALA A 395 12.21 16.95 7.18
C ALA A 395 11.52 17.59 8.37
N VAL A 396 10.51 16.93 8.93
CA VAL A 396 9.79 17.46 10.08
C VAL A 396 10.72 17.52 11.29
N ALA A 397 11.54 16.48 11.48
CA ALA A 397 12.48 16.51 12.61
C ALA A 397 13.51 17.62 12.45
N LYS A 398 14.03 17.80 11.24
CA LYS A 398 15.01 18.85 10.97
C LYS A 398 14.40 20.22 11.22
N ALA A 399 13.16 20.42 10.78
CA ALA A 399 12.41 21.63 11.11
C ALA A 399 12.20 21.77 12.61
N ALA A 400 12.07 20.66 13.33
CA ALA A 400 11.93 20.73 14.78
C ALA A 400 13.19 21.30 15.43
N MET A 401 14.35 20.75 15.06
CA MET A 401 15.58 21.31 15.61
C MET A 401 15.81 22.74 15.15
N GLU A 402 15.41 23.08 13.92
CA GLU A 402 15.57 24.45 13.43
C GLU A 402 14.69 25.41 14.22
N SER A 403 13.48 24.99 14.57
CA SER A 403 12.58 25.80 15.39
C SER A 403 12.98 25.79 16.85
N GLY A 404 13.83 24.86 17.28
CA GLY A 404 14.28 24.80 18.66
C GLY A 404 13.15 24.57 19.65
N VAL A 405 12.20 23.70 19.28
CA VAL A 405 11.05 23.41 20.11
C VAL A 405 11.02 21.97 20.58
N ALA A 406 11.96 21.14 20.13
CA ALA A 406 11.96 19.72 20.46
C ALA A 406 12.63 19.48 21.80
N THR A 407 12.34 18.31 22.37
CA THR A 407 12.95 17.89 23.63
C THR A 407 13.90 16.71 23.49
N ARG A 408 13.84 15.95 22.40
CA ARG A 408 14.73 14.82 22.16
C ARG A 408 15.32 14.96 20.76
N PRO A 409 16.22 15.93 20.56
CA PRO A 409 16.79 16.13 19.22
C PRO A 409 17.51 14.88 18.75
N ILE A 410 17.36 14.58 17.46
CA ILE A 410 17.95 13.37 16.88
C ILE A 410 19.44 13.58 16.73
N ALA A 411 20.20 12.50 16.92
CA ALA A 411 21.64 12.52 16.75
C ALA A 411 21.95 12.50 15.25
N ASP A 412 23.20 12.20 14.91
CA ASP A 412 23.65 12.12 13.52
C ASP A 412 22.64 11.37 12.66
N PHE A 413 22.16 12.04 11.61
CA PHE A 413 21.05 11.53 10.81
C PHE A 413 21.38 10.25 10.04
N ASP A 414 22.64 9.83 9.97
CA ASP A 414 22.94 8.57 9.31
C ASP A 414 22.24 7.41 10.02
N VAL A 415 22.31 7.38 11.35
CA VAL A 415 21.66 6.33 12.12
C VAL A 415 20.14 6.41 11.97
N TYR A 416 19.59 7.63 12.00
CA TYR A 416 18.16 7.79 11.84
C TYR A 416 17.69 7.28 10.50
N ILE A 417 18.42 7.63 9.43
CA ILE A 417 18.04 7.18 8.09
C ILE A 417 18.19 5.67 7.99
N ASP A 418 19.20 5.10 8.65
CA ASP A 418 19.38 3.65 8.63
C ASP A 418 18.20 2.94 9.27
N LYS A 419 17.78 3.38 10.46
CA LYS A 419 16.64 2.76 11.12
C LYS A 419 15.36 2.96 10.30
N LEU A 420 15.18 4.15 9.73
CA LEU A 420 13.98 4.41 8.95
C LEU A 420 13.93 3.52 7.71
N THR A 421 15.07 3.33 7.05
CA THR A 421 15.11 2.44 5.89
C THR A 421 14.88 0.99 6.31
N GLU A 422 15.43 0.59 7.46
CA GLU A 422 15.18 -0.76 7.96
C GLU A 422 13.70 -0.99 8.20
N PHE A 423 13.01 0.00 8.77
CA PHE A 423 11.57 -0.09 8.91
C PHE A 423 10.90 -0.14 7.54
N VAL A 424 11.50 0.53 6.55
CA VAL A 424 10.94 0.54 5.20
C VAL A 424 10.96 -0.85 4.59
N TYR A 425 12.08 -1.58 4.76
CA TYR A 425 12.20 -2.91 4.16
C TYR A 425 11.10 -3.85 4.65
N LYS A 426 10.73 -3.74 5.92
CA LYS A 426 9.78 -4.68 6.51
C LYS A 426 8.33 -4.36 6.20
N THR A 427 8.01 -3.32 5.44
CA THR A 427 6.63 -3.00 5.07
C THR A 427 6.60 -2.70 3.57
N ASN A 428 6.20 -3.68 2.78
CA ASN A 428 6.09 -3.53 1.34
C ASN A 428 4.75 -4.04 0.87
N LEU A 429 4.22 -3.39 -0.16
CA LEU A 429 2.90 -3.67 -0.72
C LEU A 429 3.01 -3.94 -2.21
N PHE A 430 3.85 -4.91 -2.57
CA PHE A 430 4.16 -5.20 -3.97
C PHE A 430 2.95 -5.64 -4.77
N MET A 431 1.86 -6.03 -4.12
CA MET A 431 0.68 -6.50 -4.85
C MET A 431 -0.13 -5.39 -5.50
N LYS A 432 -0.09 -4.18 -4.93
CA LYS A 432 -0.81 -3.06 -5.54
C LYS A 432 -0.29 -2.71 -6.93
N PRO A 433 1.02 -2.59 -7.16
CA PRO A 433 1.49 -2.41 -8.54
C PRO A 433 1.08 -3.54 -9.47
N ILE A 434 1.05 -4.78 -8.99
CA ILE A 434 0.62 -5.90 -9.82
C ILE A 434 -0.84 -5.75 -10.21
N PHE A 435 -1.69 -5.37 -9.25
CA PHE A 435 -3.09 -5.13 -9.56
C PHE A 435 -3.26 -3.99 -10.55
N SER A 436 -2.50 -2.91 -10.36
CA SER A 436 -2.60 -1.77 -11.27
C SER A 436 -2.16 -2.12 -12.67
N GLN A 437 -1.08 -2.89 -12.82
CA GLN A 437 -0.57 -3.27 -14.13
C GLN A 437 -1.45 -4.30 -14.82
N ALA A 438 -2.05 -5.23 -14.06
CA ALA A 438 -2.99 -6.17 -14.65
C ALA A 438 -4.26 -5.47 -15.13
N ARG A 439 -4.70 -4.43 -14.42
CA ARG A 439 -5.97 -3.80 -14.75
C ARG A 439 -5.90 -3.05 -16.08
N LYS A 440 -4.71 -2.58 -16.44
CA LYS A 440 -4.58 -1.77 -17.65
C LYS A 440 -4.35 -2.63 -18.89
N ALA A 441 -4.31 -3.94 -18.71
CA ALA A 441 -4.20 -4.87 -19.83
C ALA A 441 -4.67 -6.26 -19.42
N PRO A 442 -5.97 -6.46 -19.28
CA PRO A 442 -6.48 -7.79 -18.88
C PRO A 442 -6.16 -8.85 -19.93
N LYS A 443 -5.91 -10.07 -19.45
CA LYS A 443 -5.70 -11.22 -20.31
C LYS A 443 -6.73 -12.29 -20.00
N ARG A 444 -6.77 -13.29 -20.88
CA ARG A 444 -7.69 -14.42 -20.73
C ARG A 444 -7.04 -15.48 -19.86
N VAL A 445 -7.72 -15.83 -18.77
CA VAL A 445 -7.20 -16.79 -17.80
C VAL A 445 -8.19 -17.93 -17.66
N VAL A 446 -7.71 -19.16 -17.82
CA VAL A 446 -8.55 -20.34 -17.64
C VAL A 446 -8.65 -20.65 -16.15
N LEU A 447 -9.86 -20.94 -15.69
CA LEU A 447 -10.10 -21.44 -14.34
C LEU A 447 -10.75 -22.81 -14.49
N PRO A 448 -9.96 -23.89 -14.55
CA PRO A 448 -10.50 -25.22 -14.86
C PRO A 448 -11.54 -25.69 -13.85
N GLU A 449 -11.45 -25.20 -12.62
CA GLU A 449 -12.41 -25.54 -11.57
C GLU A 449 -13.47 -24.45 -11.49
N GLY A 450 -14.22 -24.30 -12.58
CA GLY A 450 -15.20 -23.25 -12.69
C GLY A 450 -16.47 -23.43 -11.90
N GLU A 451 -16.70 -24.62 -11.34
CA GLU A 451 -17.88 -24.88 -10.54
C GLU A 451 -17.64 -24.72 -9.05
N GLU A 452 -16.44 -24.33 -8.65
CA GLU A 452 -16.11 -24.12 -7.25
C GLU A 452 -16.67 -22.78 -6.77
N ALA A 453 -17.19 -22.76 -5.55
CA ALA A 453 -17.72 -21.53 -4.98
C ALA A 453 -16.62 -20.48 -4.82
N ARG A 454 -15.44 -20.91 -4.37
CA ARG A 454 -14.31 -19.99 -4.23
C ARG A 454 -13.89 -19.43 -5.57
N VAL A 455 -13.83 -20.29 -6.59
CA VAL A 455 -13.45 -19.82 -7.93
C VAL A 455 -14.51 -18.89 -8.49
N LEU A 456 -15.78 -19.14 -8.19
CA LEU A 456 -16.84 -18.26 -8.67
C LEU A 456 -16.79 -16.89 -7.99
N HIS A 457 -16.52 -16.87 -6.68
CA HIS A 457 -16.33 -15.61 -5.98
C HIS A 457 -15.13 -14.84 -6.53
N ALA A 458 -14.03 -15.56 -6.79
CA ALA A 458 -12.85 -14.92 -7.37
C ALA A 458 -13.15 -14.39 -8.77
N THR A 459 -13.95 -15.12 -9.54
CA THR A 459 -14.36 -14.64 -10.85
C THR A 459 -15.17 -13.36 -10.75
N GLN A 460 -16.09 -13.29 -9.78
CA GLN A 460 -16.83 -12.06 -9.56
C GLN A 460 -15.89 -10.90 -9.23
N GLU A 461 -14.92 -11.15 -8.35
CA GLU A 461 -13.98 -10.10 -7.97
C GLU A 461 -13.14 -9.65 -9.16
N LEU A 462 -12.68 -10.60 -9.98
CA LEU A 462 -11.85 -10.26 -11.13
C LEU A 462 -12.64 -9.50 -12.19
N VAL A 463 -13.91 -9.85 -12.36
CA VAL A 463 -14.76 -9.09 -13.28
C VAL A 463 -14.97 -7.68 -12.76
N THR A 464 -15.22 -7.54 -11.46
CA THR A 464 -15.45 -6.22 -10.87
C THR A 464 -14.22 -5.34 -11.00
N LEU A 465 -13.05 -5.85 -10.60
CA LEU A 465 -11.83 -5.06 -10.66
C LEU A 465 -11.28 -4.95 -12.07
N GLY A 466 -11.80 -5.73 -13.02
CA GLY A 466 -11.31 -5.69 -14.38
C GLY A 466 -9.87 -6.16 -14.52
N LEU A 467 -9.49 -7.19 -13.76
CA LEU A 467 -8.13 -7.69 -13.79
C LEU A 467 -7.90 -8.73 -14.87
N ALA A 468 -8.93 -9.51 -15.21
CA ALA A 468 -8.76 -10.61 -16.14
C ALA A 468 -10.06 -10.82 -16.92
N LYS A 469 -9.97 -11.61 -17.98
CA LYS A 469 -11.11 -12.07 -18.75
C LYS A 469 -11.28 -13.56 -18.47
N PRO A 470 -12.06 -13.93 -17.46
CA PRO A 470 -12.12 -15.34 -17.04
C PRO A 470 -12.66 -16.26 -18.12
N ILE A 471 -12.14 -17.49 -18.11
CA ILE A 471 -12.65 -18.57 -18.96
C ILE A 471 -12.91 -19.78 -18.07
N LEU A 472 -14.15 -19.90 -17.59
CA LEU A 472 -14.48 -20.99 -16.67
C LEU A 472 -14.67 -22.29 -17.46
N ILE A 473 -14.29 -23.40 -16.82
CA ILE A 473 -14.45 -24.73 -17.40
C ILE A 473 -15.36 -25.53 -16.49
N GLY A 474 -16.46 -26.01 -17.03
CA GLY A 474 -17.39 -26.81 -16.25
C GLY A 474 -18.71 -26.93 -16.98
N ARG A 475 -19.66 -27.56 -16.30
CA ARG A 475 -21.01 -27.68 -16.86
C ARG A 475 -21.72 -26.35 -16.72
N PRO A 476 -22.16 -25.74 -17.83
CA PRO A 476 -22.82 -24.42 -17.74
C PRO A 476 -24.03 -24.42 -16.82
N ASN A 477 -24.78 -25.52 -16.82
CA ASN A 477 -25.95 -25.60 -15.95
C ASN A 477 -25.56 -25.51 -14.48
N VAL A 478 -24.61 -26.35 -14.05
CA VAL A 478 -24.20 -26.35 -12.66
C VAL A 478 -23.57 -25.02 -12.29
N ILE A 479 -22.78 -24.45 -13.20
CA ILE A 479 -22.16 -23.16 -12.94
C ILE A 479 -23.23 -22.09 -12.71
N GLU A 480 -24.25 -22.08 -13.56
CA GLU A 480 -25.29 -21.04 -13.46
C GLU A 480 -26.11 -21.20 -12.19
N MET A 481 -26.50 -22.42 -11.84
CA MET A 481 -27.26 -22.61 -10.60
C MET A 481 -26.41 -22.26 -9.38
N ARG A 482 -25.11 -22.60 -9.41
CA ARG A 482 -24.24 -22.23 -8.29
C ARG A 482 -24.08 -20.71 -8.20
N ILE A 483 -24.02 -20.03 -9.35
CA ILE A 483 -23.94 -18.57 -9.34
C ILE A 483 -25.19 -17.98 -8.72
N GLN A 484 -26.36 -18.46 -9.14
CA GLN A 484 -27.62 -17.94 -8.61
C GLN A 484 -27.73 -18.18 -7.11
N LYS A 485 -27.34 -19.38 -6.66
CA LYS A 485 -27.40 -19.69 -5.24
C LYS A 485 -26.43 -18.84 -4.43
N LEU A 486 -25.24 -18.58 -4.99
CA LEU A 486 -24.23 -17.82 -4.28
C LEU A 486 -24.60 -16.35 -4.16
N GLY A 487 -25.40 -15.84 -5.09
CA GLY A 487 -25.76 -14.43 -5.09
C GLY A 487 -24.89 -13.54 -5.94
N LEU A 488 -24.09 -14.10 -6.84
CA LEU A 488 -23.20 -13.31 -7.67
C LEU A 488 -23.97 -12.62 -8.79
N GLN A 489 -23.33 -11.62 -9.40
CA GLN A 489 -23.93 -10.83 -10.45
C GLN A 489 -23.19 -11.00 -11.78
N ILE A 490 -22.57 -12.16 -11.99
CA ILE A 490 -21.86 -12.45 -13.23
C ILE A 490 -22.73 -13.33 -14.10
N LYS A 491 -22.59 -13.17 -15.42
CA LYS A 491 -23.35 -13.93 -16.39
C LYS A 491 -22.43 -14.48 -17.46
N ALA A 492 -22.79 -15.63 -18.01
CA ALA A 492 -21.99 -16.25 -19.06
C ALA A 492 -21.97 -15.39 -20.31
N GLY A 493 -20.80 -15.27 -20.91
CA GLY A 493 -20.66 -14.46 -22.11
C GLY A 493 -20.54 -12.98 -21.83
N VAL A 494 -21.41 -12.47 -20.94
CA VAL A 494 -21.38 -11.06 -20.61
C VAL A 494 -20.09 -10.71 -19.85
N ASP A 495 -19.76 -11.49 -18.84
CA ASP A 495 -18.60 -11.21 -18.00
C ASP A 495 -17.51 -12.26 -18.13
N PHE A 496 -17.86 -13.54 -18.18
CA PHE A 496 -16.88 -14.61 -18.26
C PHE A 496 -17.32 -15.65 -19.28
N GLU A 497 -16.37 -16.17 -20.03
CA GLU A 497 -16.63 -17.22 -21.01
C GLU A 497 -16.66 -18.58 -20.30
N ILE A 498 -17.59 -19.43 -20.72
CA ILE A 498 -17.68 -20.80 -20.20
C ILE A 498 -17.23 -21.76 -21.29
N VAL A 499 -16.36 -22.68 -20.92
CA VAL A 499 -15.99 -23.81 -21.77
C VAL A 499 -16.57 -25.08 -21.14
N ASN A 500 -17.46 -25.73 -21.86
CA ASN A 500 -18.09 -26.94 -21.35
C ASN A 500 -17.11 -28.11 -21.53
N ASN A 501 -16.85 -28.83 -20.43
CA ASN A 501 -15.93 -29.95 -20.50
C ASN A 501 -16.47 -31.06 -21.41
N GLU A 502 -17.78 -31.18 -21.51
CA GLU A 502 -18.43 -32.09 -22.45
C GLU A 502 -19.08 -31.30 -23.56
N SER A 503 -19.17 -31.91 -24.74
CA SER A 503 -19.79 -31.30 -25.91
C SER A 503 -19.09 -29.99 -26.30
N ASP A 504 -17.77 -29.98 -26.12
CA ASP A 504 -16.96 -28.85 -26.55
C ASP A 504 -16.79 -28.88 -28.06
N PRO A 505 -17.11 -27.80 -28.77
CA PRO A 505 -16.94 -27.81 -30.24
C PRO A 505 -15.51 -28.06 -30.69
N ARG A 506 -14.51 -27.79 -29.85
CA ARG A 506 -13.11 -28.01 -30.21
C ARG A 506 -12.56 -29.29 -29.63
N PHE A 507 -13.42 -30.25 -29.27
CA PHE A 507 -13.00 -31.51 -28.67
C PHE A 507 -12.01 -32.27 -29.55
N LYS A 508 -12.31 -32.36 -30.86
CA LYS A 508 -11.48 -33.14 -31.76
C LYS A 508 -10.06 -32.58 -31.84
N GLU A 509 -9.95 -31.26 -31.95
CA GLU A 509 -8.63 -30.64 -32.07
C GLU A 509 -7.89 -30.60 -30.74
N TYR A 510 -8.58 -30.79 -29.63
CA TYR A 510 -7.95 -30.74 -28.32
C TYR A 510 -7.30 -32.07 -27.95
N TRP A 511 -8.09 -33.15 -27.98
CA TRP A 511 -7.53 -34.46 -27.64
C TRP A 511 -6.49 -34.89 -28.66
N THR A 512 -6.61 -34.42 -29.90
CA THR A 512 -5.57 -34.71 -30.89
C THR A 512 -4.23 -34.11 -30.48
N GLU A 513 -4.23 -32.84 -30.06
CA GLU A 513 -3.02 -32.19 -29.60
C GLU A 513 -2.48 -32.84 -28.33
N TYR A 514 -3.37 -33.19 -27.39
CA TYR A 514 -2.93 -33.88 -26.18
C TYR A 514 -2.28 -35.21 -26.52
N PHE A 515 -2.85 -35.96 -27.45
CA PHE A 515 -2.26 -37.23 -27.86
C PHE A 515 -0.91 -37.02 -28.52
N GLN A 516 -0.82 -36.05 -29.43
CA GLN A 516 0.48 -35.79 -30.06
C GLN A 516 1.54 -35.36 -29.06
N ILE A 517 1.14 -34.71 -27.97
CA ILE A 517 2.06 -34.42 -26.88
C ILE A 517 2.44 -35.67 -26.10
N MET A 518 1.47 -36.54 -25.82
CA MET A 518 1.63 -37.62 -24.85
C MET A 518 1.51 -39.01 -25.46
N LYS A 519 1.64 -39.14 -26.78
CA LYS A 519 1.48 -40.46 -27.40
C LYS A 519 2.56 -41.43 -26.94
N ARG A 520 3.80 -40.95 -26.82
CA ARG A 520 4.92 -41.78 -26.37
C ARG A 520 5.19 -41.61 -24.89
N ARG A 521 4.23 -41.07 -24.14
CA ARG A 521 4.36 -40.88 -22.71
C ARG A 521 3.29 -41.65 -21.94
N GLY A 522 2.69 -42.67 -22.56
CA GLY A 522 1.77 -43.57 -21.88
C GLY A 522 0.31 -43.28 -22.10
N VAL A 523 -0.02 -42.33 -22.98
CA VAL A 523 -1.41 -41.91 -23.21
C VAL A 523 -1.82 -42.36 -24.60
N THR A 524 -2.90 -43.14 -24.67
CA THR A 524 -3.44 -43.53 -25.95
C THR A 524 -4.43 -42.50 -26.45
N GLN A 525 -4.95 -42.73 -27.67
CA GLN A 525 -5.93 -41.82 -28.24
C GLN A 525 -7.22 -41.82 -27.42
N GLU A 526 -7.67 -42.99 -26.99
CA GLU A 526 -8.84 -43.06 -26.13
C GLU A 526 -8.61 -42.44 -24.76
N GLN A 527 -7.43 -42.60 -24.18
CA GLN A 527 -7.09 -41.91 -22.95
C GLN A 527 -7.03 -40.41 -23.14
N ALA A 528 -6.52 -39.94 -24.29
CA ALA A 528 -6.54 -38.52 -24.59
C ALA A 528 -7.97 -38.01 -24.71
N GLN A 529 -8.84 -38.78 -25.35
CA GLN A 529 -10.25 -38.39 -25.46
C GLN A 529 -10.91 -38.33 -24.10
N ARG A 530 -10.63 -39.30 -23.24
CA ARG A 530 -11.20 -39.33 -21.90
C ARG A 530 -10.66 -38.20 -21.01
N ALA A 531 -9.41 -37.79 -21.21
CA ALA A 531 -8.82 -36.69 -20.43
C ALA A 531 -9.37 -35.33 -20.82
N LEU A 532 -9.69 -35.11 -22.09
CA LEU A 532 -10.25 -33.84 -22.54
C LEU A 532 -11.74 -33.73 -22.24
N ILE A 533 -12.32 -34.71 -21.54
CA ILE A 533 -13.68 -34.64 -21.07
C ILE A 533 -13.77 -34.72 -19.55
N SER A 534 -12.83 -35.40 -18.89
CA SER A 534 -12.87 -35.58 -17.44
C SER A 534 -11.74 -34.88 -16.70
N ASN A 535 -10.76 -34.28 -17.36
CA ASN A 535 -9.67 -33.58 -16.70
C ASN A 535 -9.68 -32.12 -17.11
N PRO A 536 -10.29 -31.22 -16.33
CA PRO A 536 -10.32 -29.80 -16.72
C PRO A 536 -8.95 -29.16 -16.82
N THR A 537 -7.97 -29.64 -16.05
CA THR A 537 -6.62 -29.09 -16.13
C THR A 537 -6.02 -29.34 -17.51
N VAL A 538 -6.24 -30.52 -18.08
CA VAL A 538 -5.75 -30.80 -19.43
C VAL A 538 -6.41 -29.88 -20.44
N ILE A 539 -7.71 -29.65 -20.30
CA ILE A 539 -8.42 -28.76 -21.21
C ILE A 539 -7.84 -27.35 -21.13
N GLY A 540 -7.63 -26.86 -19.90
CA GLY A 540 -7.07 -25.52 -19.74
C GLY A 540 -5.66 -25.40 -20.27
N ALA A 541 -4.83 -26.42 -20.02
CA ALA A 541 -3.47 -26.40 -20.51
C ALA A 541 -3.42 -26.43 -22.03
N ILE A 542 -4.25 -27.26 -22.66
CA ILE A 542 -4.31 -27.28 -24.12
C ILE A 542 -4.81 -25.95 -24.65
N MET A 543 -5.80 -25.35 -23.98
CA MET A 543 -6.29 -24.03 -24.37
C MET A 543 -5.16 -23.00 -24.35
N VAL A 544 -4.39 -22.97 -23.26
CA VAL A 544 -3.31 -22.00 -23.12
C VAL A 544 -2.22 -22.26 -24.16
N GLN A 545 -1.86 -23.53 -24.36
CA GLN A 545 -0.80 -23.86 -25.31
C GLN A 545 -1.20 -23.51 -26.74
N ARG A 546 -2.45 -23.76 -27.11
CA ARG A 546 -2.91 -23.42 -28.45
C ARG A 546 -2.86 -21.91 -28.69
N GLY A 547 -3.24 -21.13 -27.68
CA GLY A 547 -3.29 -19.68 -27.81
C GLY A 547 -4.66 -19.09 -27.56
N GLU A 548 -5.66 -19.90 -27.22
CA GLU A 548 -7.00 -19.39 -26.94
C GLU A 548 -7.11 -18.80 -25.54
N ALA A 549 -6.07 -18.92 -24.74
CA ALA A 549 -6.02 -18.27 -23.43
C ALA A 549 -4.56 -17.98 -23.10
N ASP A 550 -4.35 -17.05 -22.17
CA ASP A 550 -3.02 -16.55 -21.88
C ASP A 550 -2.43 -17.14 -20.60
N ALA A 551 -3.26 -17.52 -19.64
CA ALA A 551 -2.77 -18.06 -18.38
C ALA A 551 -3.78 -19.04 -17.84
N MET A 552 -3.31 -19.87 -16.90
CA MET A 552 -4.15 -20.83 -16.21
C MET A 552 -3.91 -20.72 -14.72
N ILE A 553 -4.97 -20.95 -13.95
CA ILE A 553 -4.90 -20.99 -12.49
C ILE A 553 -5.68 -22.21 -12.05
N CYS A 554 -4.96 -23.29 -11.73
CA CYS A 554 -5.55 -24.55 -11.34
C CYS A 554 -5.14 -24.88 -9.91
N GLY A 555 -5.48 -26.08 -9.47
CA GLY A 555 -5.02 -26.60 -8.20
C GLY A 555 -6.00 -26.52 -7.05
N THR A 556 -7.13 -25.83 -7.24
CA THR A 556 -8.10 -25.71 -6.15
C THR A 556 -8.79 -27.03 -5.83
N VAL A 557 -8.61 -28.06 -6.66
CA VAL A 557 -9.10 -29.40 -6.38
C VAL A 557 -7.95 -30.37 -6.59
N GLY A 558 -8.02 -31.50 -5.89
CA GLY A 558 -7.04 -32.55 -6.07
C GLY A 558 -5.68 -32.21 -5.47
N ASP A 559 -4.71 -33.03 -5.84
CA ASP A 559 -3.34 -32.89 -5.37
C ASP A 559 -2.56 -31.93 -6.25
N TYR A 560 -1.51 -31.35 -5.67
CA TYR A 560 -0.69 -30.39 -6.42
C TYR A 560 -0.04 -31.03 -7.63
N HIS A 561 0.54 -32.22 -7.45
CA HIS A 561 1.29 -32.85 -8.52
C HIS A 561 0.39 -33.42 -9.60
N GLU A 562 -0.88 -33.71 -9.28
CA GLU A 562 -1.82 -34.13 -10.31
C GLU A 562 -1.98 -33.05 -11.38
N HIS A 563 -1.98 -31.78 -10.97
CA HIS A 563 -2.03 -30.66 -11.91
C HIS A 563 -0.65 -30.30 -12.44
N PHE A 564 0.38 -30.37 -11.60
CA PHE A 564 1.72 -29.99 -12.04
C PHE A 564 2.26 -30.94 -13.10
N SER A 565 1.92 -32.22 -13.03
CA SER A 565 2.35 -33.15 -14.06
C SER A 565 1.76 -32.79 -15.40
N VAL A 566 0.47 -32.45 -15.44
CA VAL A 566 -0.16 -32.01 -16.68
C VAL A 566 0.50 -30.73 -17.19
N VAL A 567 0.74 -29.78 -16.28
CA VAL A 567 1.32 -28.50 -16.66
C VAL A 567 2.70 -28.70 -17.27
N LYS A 568 3.53 -29.51 -16.61
CA LYS A 568 4.88 -29.77 -17.10
C LYS A 568 4.87 -30.54 -18.41
N ASN A 569 3.95 -31.50 -18.55
CA ASN A 569 3.89 -32.30 -19.77
C ASN A 569 3.47 -31.46 -20.95
N VAL A 570 2.50 -30.57 -20.77
CA VAL A 570 2.02 -29.76 -21.89
C VAL A 570 3.00 -28.63 -22.19
N PHE A 571 3.23 -27.75 -21.22
CA PHE A 571 4.04 -26.56 -21.47
C PHE A 571 5.52 -26.87 -21.52
N GLY A 572 6.00 -27.75 -20.64
CA GLY A 572 7.42 -28.01 -20.54
C GLY A 572 8.11 -27.02 -19.63
N TYR A 573 9.43 -27.04 -19.70
CA TYR A 573 10.26 -26.13 -18.91
C TYR A 573 10.59 -24.88 -19.73
N ARG A 574 10.98 -23.84 -19.01
CA ARG A 574 11.40 -22.60 -19.65
C ARG A 574 12.76 -22.80 -20.33
N ASP A 575 13.07 -21.91 -21.26
CA ASP A 575 14.33 -21.99 -21.98
C ASP A 575 15.50 -21.76 -21.02
N GLY A 576 16.50 -22.63 -21.10
CA GLY A 576 17.64 -22.55 -20.21
C GLY A 576 17.38 -23.00 -18.80
N VAL A 577 16.22 -23.60 -18.54
CA VAL A 577 15.81 -24.01 -17.21
C VAL A 577 15.44 -25.48 -17.25
N HIS A 578 15.97 -26.27 -16.32
CA HIS A 578 15.72 -27.70 -16.26
C HIS A 578 15.01 -28.13 -14.98
N THR A 579 14.48 -27.18 -14.22
CA THR A 579 13.79 -27.50 -12.98
C THR A 579 12.65 -26.53 -12.76
N ALA A 580 11.73 -26.89 -11.87
CA ALA A 580 10.65 -26.02 -11.48
C ALA A 580 10.58 -25.96 -9.96
N GLY A 581 10.07 -24.85 -9.46
CA GLY A 581 9.92 -24.67 -8.03
C GLY A 581 8.71 -23.79 -7.74
N ALA A 582 8.14 -23.98 -6.55
CA ALA A 582 6.98 -23.22 -6.11
C ALA A 582 7.40 -22.34 -4.94
N MET A 583 7.17 -21.04 -5.07
CA MET A 583 7.56 -20.07 -4.06
C MET A 583 6.32 -19.60 -3.30
N ASN A 584 6.38 -19.67 -1.97
CA ASN A 584 5.29 -19.26 -1.11
C ASN A 584 5.71 -18.02 -0.32
N ALA A 585 4.82 -17.04 -0.24
CA ALA A 585 5.13 -15.76 0.40
C ALA A 585 4.50 -15.70 1.78
N LEU A 586 5.23 -15.11 2.73
CA LEU A 586 4.78 -14.90 4.09
C LEU A 586 5.08 -13.46 4.48
N LEU A 587 4.22 -12.89 5.31
CA LEU A 587 4.46 -11.56 5.87
C LEU A 587 4.90 -11.77 7.31
N LEU A 588 6.20 -11.83 7.52
CA LEU A 588 6.78 -12.04 8.83
C LEU A 588 7.02 -10.70 9.50
N PRO A 589 7.35 -10.70 10.80
CA PRO A 589 7.76 -9.43 11.44
C PRO A 589 8.97 -8.79 10.78
N SER A 590 9.81 -9.56 10.11
CA SER A 590 10.97 -9.02 9.42
C SER A 590 10.64 -8.52 8.01
N GLY A 591 9.43 -8.75 7.52
CA GLY A 591 9.00 -8.30 6.21
C GLY A 591 8.50 -9.45 5.37
N ASN A 592 8.33 -9.17 4.08
CA ASN A 592 7.88 -10.19 3.13
C ASN A 592 8.96 -11.24 2.97
N THR A 593 8.60 -12.50 3.23
CA THR A 593 9.54 -13.61 3.17
C THR A 593 9.00 -14.65 2.19
N PHE A 594 9.90 -15.22 1.38
CA PHE A 594 9.54 -16.19 0.36
C PHE A 594 10.30 -17.48 0.64
N ILE A 595 9.59 -18.59 0.63
CA ILE A 595 10.17 -19.92 0.83
C ILE A 595 10.13 -20.65 -0.50
N ALA A 596 11.28 -21.19 -0.90
CA ALA A 596 11.50 -21.67 -2.26
C ALA A 596 11.30 -23.18 -2.35
N ASP A 597 10.54 -23.58 -3.36
CA ASP A 597 10.22 -24.98 -3.65
C ASP A 597 9.58 -25.68 -2.45
N THR A 598 8.37 -25.24 -2.15
CA THR A 598 7.53 -25.89 -1.16
C THR A 598 6.70 -27.02 -1.73
N TYR A 599 6.66 -27.19 -3.06
CA TYR A 599 5.69 -28.11 -3.64
C TYR A 599 6.21 -29.05 -4.72
N VAL A 600 7.25 -28.70 -5.45
CA VAL A 600 7.62 -29.40 -6.69
C VAL A 600 8.66 -30.49 -6.45
N ASN A 601 9.85 -30.12 -5.99
CA ASN A 601 10.95 -31.07 -5.83
C ASN A 601 11.00 -31.56 -4.40
N ASP A 602 10.92 -32.89 -4.22
CA ASP A 602 10.97 -33.46 -2.88
C ASP A 602 12.37 -33.35 -2.28
N GLU A 603 13.39 -33.69 -3.06
CA GLU A 603 14.78 -33.64 -2.62
C GLU A 603 15.63 -33.08 -3.75
N PRO A 604 15.63 -31.77 -3.94
CA PRO A 604 16.46 -31.19 -5.01
C PRO A 604 17.94 -31.35 -4.70
N ASP A 605 18.73 -31.39 -5.75
CA ASP A 605 20.18 -31.46 -5.63
C ASP A 605 20.79 -30.07 -5.79
N ALA A 606 22.12 -30.00 -5.84
CA ALA A 606 22.80 -28.70 -5.86
C ALA A 606 22.44 -27.88 -7.09
N GLU A 607 22.41 -28.51 -8.26
CA GLU A 607 22.08 -27.76 -9.48
C GLU A 607 20.62 -27.33 -9.49
N GLU A 608 19.72 -28.21 -9.07
CA GLU A 608 18.31 -27.83 -8.97
C GLU A 608 18.12 -26.74 -7.93
N LEU A 609 18.81 -26.83 -6.80
CA LEU A 609 18.71 -25.80 -5.77
C LEU A 609 19.22 -24.46 -6.30
N ALA A 610 20.32 -24.48 -7.06
CA ALA A 610 20.84 -23.23 -7.63
C ALA A 610 19.85 -22.63 -8.62
N GLU A 611 19.25 -23.47 -9.48
CA GLU A 611 18.27 -22.97 -10.42
C GLU A 611 17.06 -22.39 -9.70
N ILE A 612 16.58 -23.07 -8.66
CA ILE A 612 15.45 -22.59 -7.89
C ILE A 612 15.79 -21.26 -7.21
N THR A 613 17.00 -21.16 -6.68
CA THR A 613 17.43 -19.91 -6.05
C THR A 613 17.44 -18.76 -7.04
N LEU A 614 17.98 -19.01 -8.24
CA LEU A 614 18.04 -17.95 -9.25
C LEU A 614 16.64 -17.54 -9.70
N MET A 615 15.76 -18.52 -9.93
CA MET A 615 14.40 -18.20 -10.35
C MET A 615 13.65 -17.44 -9.25
N ALA A 616 13.82 -17.85 -8.00
CA ALA A 616 13.16 -17.16 -6.89
C ALA A 616 13.68 -15.73 -6.75
N ALA A 617 14.99 -15.54 -6.90
CA ALA A 617 15.54 -14.19 -6.83
C ALA A 617 15.00 -13.32 -7.96
N GLU A 618 14.91 -13.88 -9.17
CA GLU A 618 14.37 -13.13 -10.30
C GLU A 618 12.92 -12.76 -10.07
N THR A 619 12.11 -13.70 -9.56
CA THR A 619 10.71 -13.42 -9.29
C THR A 619 10.54 -12.36 -8.21
N VAL A 620 11.31 -12.45 -7.13
CA VAL A 620 11.22 -11.47 -6.06
C VAL A 620 11.69 -10.10 -6.55
N ARG A 621 12.69 -10.08 -7.42
CA ARG A 621 13.12 -8.84 -8.05
C ARG A 621 12.00 -8.22 -8.86
N ARG A 622 11.25 -9.05 -9.59
CA ARG A 622 10.14 -8.53 -10.38
C ARG A 622 9.04 -7.96 -9.51
N PHE A 623 8.93 -8.41 -8.26
CA PHE A 623 7.96 -7.85 -7.32
C PHE A 623 8.34 -6.45 -6.86
N GLY A 624 9.57 -6.02 -7.10
CA GLY A 624 10.05 -4.76 -6.58
C GLY A 624 10.82 -4.86 -5.29
N ILE A 625 11.10 -6.08 -4.81
CA ILE A 625 11.84 -6.30 -3.59
C ILE A 625 13.25 -6.76 -3.95
N GLU A 626 14.24 -6.21 -3.29
CA GLU A 626 15.62 -6.62 -3.52
C GLU A 626 15.84 -8.01 -2.94
N PRO A 627 16.22 -9.00 -3.74
CA PRO A 627 16.38 -10.37 -3.22
C PRO A 627 17.56 -10.47 -2.26
N ARG A 628 17.30 -11.02 -1.07
CA ARG A 628 18.32 -11.32 -0.07
C ARG A 628 18.16 -12.79 0.30
N VAL A 629 18.93 -13.64 -0.34
CA VAL A 629 18.74 -15.09 -0.24
C VAL A 629 19.58 -15.63 0.91
N ALA A 630 19.04 -16.65 1.58
CA ALA A 630 19.76 -17.39 2.61
C ALA A 630 19.40 -18.86 2.48
N LEU A 631 20.40 -19.69 2.21
CA LEU A 631 20.18 -21.13 2.15
C LEU A 631 20.16 -21.69 3.56
N LEU A 632 19.08 -22.41 3.89
CA LEU A 632 18.82 -22.84 5.25
C LEU A 632 19.22 -24.30 5.43
N SER A 633 19.66 -24.61 6.65
CA SER A 633 20.02 -25.98 7.02
C SER A 633 20.02 -26.05 8.54
N HIS A 634 20.10 -27.28 9.04
CA HIS A 634 20.27 -27.49 10.47
C HIS A 634 21.70 -27.22 10.92
N SER A 635 22.63 -27.03 9.99
CA SER A 635 24.00 -26.70 10.29
C SER A 635 24.25 -25.21 10.05
N ASN A 636 25.00 -24.60 10.95
CA ASN A 636 25.31 -23.17 10.88
C ASN A 636 26.74 -23.02 10.34
N PHE A 637 26.85 -22.77 9.03
CA PHE A 637 28.13 -22.50 8.37
C PHE A 637 29.13 -23.62 8.62
N GLY A 638 28.78 -24.81 8.12
CA GLY A 638 29.68 -25.94 8.19
C GLY A 638 29.68 -26.71 9.50
N SER A 639 28.69 -26.48 10.37
CA SER A 639 28.66 -27.20 11.64
C SER A 639 28.51 -28.70 11.44
N SER A 640 27.69 -29.12 10.47
CA SER A 640 27.46 -30.52 10.20
C SER A 640 27.95 -30.86 8.80
N ASP A 641 28.32 -32.14 8.62
CA ASP A 641 28.83 -32.64 7.35
C ASP A 641 27.87 -33.62 6.70
N CYS A 642 26.57 -33.50 6.99
CA CYS A 642 25.58 -34.33 6.33
C CYS A 642 25.53 -33.98 4.84
N PRO A 643 25.06 -34.91 4.01
CA PRO A 643 24.96 -34.59 2.57
C PRO A 643 24.07 -33.41 2.27
N SER A 644 23.08 -33.13 3.12
CA SER A 644 22.20 -32.00 2.91
C SER A 644 22.95 -30.67 3.01
N SER A 645 23.78 -30.51 4.04
CA SER A 645 24.53 -29.27 4.21
C SER A 645 25.58 -29.11 3.12
N SER A 646 26.23 -30.21 2.73
CA SER A 646 27.18 -30.15 1.62
C SER A 646 26.48 -29.76 0.33
N LYS A 647 25.26 -30.27 0.12
CA LYS A 647 24.47 -29.88 -1.04
C LYS A 647 24.12 -28.40 -1.00
N MET A 648 23.79 -27.88 0.18
CA MET A 648 23.51 -26.45 0.32
C MET A 648 24.74 -25.61 -0.02
N ARG A 649 25.91 -26.03 0.46
CA ARG A 649 27.13 -25.29 0.16
C ARG A 649 27.46 -25.35 -1.34
N GLN A 650 27.26 -26.51 -1.96
CA GLN A 650 27.45 -26.64 -3.40
C GLN A 650 26.51 -25.71 -4.16
N ALA A 651 25.25 -25.64 -3.73
CA ALA A 651 24.29 -24.74 -4.35
C ALA A 651 24.72 -23.28 -4.18
N LEU A 652 25.25 -22.94 -3.01
CA LEU A 652 25.73 -21.58 -2.79
C LEU A 652 26.86 -21.24 -3.75
N GLU A 653 27.81 -22.16 -3.92
CA GLU A 653 28.90 -21.91 -4.85
C GLU A 653 28.38 -21.76 -6.28
N LEU A 654 27.46 -22.63 -6.69
CA LEU A 654 26.90 -22.54 -8.03
C LEU A 654 26.18 -21.21 -8.26
N VAL A 655 25.39 -20.77 -7.28
CA VAL A 655 24.67 -19.50 -7.41
C VAL A 655 25.65 -18.35 -7.50
N ARG A 656 26.71 -18.37 -6.67
CA ARG A 656 27.72 -17.32 -6.74
C ARG A 656 28.39 -17.30 -8.11
N GLU A 657 28.61 -18.47 -8.71
CA GLU A 657 29.13 -18.51 -10.06
C GLU A 657 28.16 -17.85 -11.05
N ARG A 658 26.89 -18.27 -11.01
CA ARG A 658 25.93 -17.82 -12.02
C ARG A 658 25.60 -16.34 -11.85
N ALA A 659 25.32 -15.90 -10.63
CA ALA A 659 24.86 -14.54 -10.35
C ALA A 659 25.75 -13.89 -9.30
N PRO A 660 26.87 -13.29 -9.71
CA PRO A 660 27.75 -12.64 -8.73
C PRO A 660 27.12 -11.44 -8.04
N GLU A 661 26.10 -10.84 -8.63
CA GLU A 661 25.46 -9.65 -8.06
C GLU A 661 24.38 -9.99 -7.03
N LEU A 662 23.98 -11.25 -6.92
CA LEU A 662 22.93 -11.64 -6.00
C LEU A 662 23.47 -11.69 -4.57
N MET A 663 22.73 -11.11 -3.63
CA MET A 663 23.11 -11.13 -2.23
C MET A 663 22.59 -12.42 -1.62
N ILE A 664 23.51 -13.32 -1.28
CA ILE A 664 23.15 -14.66 -0.82
C ILE A 664 24.24 -15.14 0.13
N ASP A 665 23.85 -15.95 1.10
CA ASP A 665 24.80 -16.57 2.00
C ASP A 665 24.19 -17.86 2.55
N GLY A 666 25.05 -18.68 3.12
CA GLY A 666 24.62 -19.94 3.69
C GLY A 666 25.78 -20.91 3.77
N GLU A 667 25.48 -22.09 4.29
CA GLU A 667 24.17 -22.40 4.85
C GLU A 667 24.14 -22.00 6.31
N MET A 668 22.97 -21.58 6.79
CA MET A 668 22.84 -21.08 8.15
C MET A 668 21.52 -21.53 8.73
N HIS A 669 21.28 -21.14 9.97
CA HIS A 669 20.03 -21.42 10.65
C HIS A 669 18.97 -20.38 10.28
N GLY A 670 17.72 -20.70 10.61
CA GLY A 670 16.64 -19.77 10.31
C GLY A 670 16.74 -18.46 11.08
N ASP A 671 17.11 -18.54 12.36
CA ASP A 671 17.26 -17.33 13.15
C ASP A 671 18.45 -16.50 12.67
N ALA A 672 19.55 -17.16 12.30
CA ALA A 672 20.68 -16.43 11.73
C ALA A 672 20.30 -15.73 10.44
N ALA A 673 19.44 -16.36 9.64
CA ALA A 673 18.99 -15.74 8.39
C ALA A 673 18.07 -14.56 8.66
N LEU A 674 17.15 -14.69 9.62
CA LEU A 674 16.11 -13.70 9.80
C LEU A 674 16.54 -12.51 10.66
N VAL A 675 17.38 -12.71 11.67
CA VAL A 675 17.86 -11.61 12.51
C VAL A 675 19.35 -11.43 12.26
N GLU A 676 19.76 -10.18 12.06
CA GLU A 676 21.12 -9.86 11.67
C GLU A 676 22.10 -9.95 12.83
N ALA A 677 21.65 -9.75 14.06
CA ALA A 677 22.56 -9.82 15.20
C ALA A 677 23.16 -11.21 15.36
N ILE A 678 22.33 -12.26 15.22
CA ILE A 678 22.82 -13.62 15.33
C ILE A 678 23.84 -13.92 14.24
N ARG A 679 23.55 -13.49 13.01
CA ARG A 679 24.46 -13.73 11.90
C ARG A 679 25.77 -12.99 12.10
N ASN A 680 25.70 -11.74 12.56
CA ASN A 680 26.92 -10.97 12.80
C ASN A 680 27.76 -11.61 13.90
N ASP A 681 27.11 -12.15 14.93
CA ASP A 681 27.85 -12.89 15.94
C ASP A 681 28.52 -14.12 15.34
N ARG A 682 27.82 -14.83 14.45
CA ARG A 682 28.38 -16.04 13.87
C ARG A 682 29.34 -15.71 12.73
N MET A 683 28.84 -15.03 11.68
CA MET A 683 29.65 -14.65 10.52
C MET A 683 29.66 -13.14 10.39
N PRO A 684 30.64 -12.46 10.97
CA PRO A 684 30.71 -10.99 10.85
C PRO A 684 30.90 -10.51 9.43
N ASP A 685 31.45 -11.33 8.54
CA ASP A 685 31.76 -10.97 7.17
C ASP A 685 30.72 -11.48 6.18
N SER A 686 29.52 -11.78 6.65
CA SER A 686 28.51 -12.39 5.80
C SER A 686 28.13 -11.45 4.66
N SER A 687 27.95 -12.03 3.47
CA SER A 687 27.51 -11.26 2.32
C SER A 687 26.04 -10.87 2.38
N LEU A 688 25.29 -11.40 3.35
CA LEU A 688 23.88 -11.11 3.51
C LEU A 688 23.72 -9.99 4.53
N LYS A 689 23.03 -8.93 4.13
CA LYS A 689 22.79 -7.78 4.99
C LYS A 689 21.33 -7.73 5.40
N GLY A 690 21.09 -7.48 6.68
CA GLY A 690 19.73 -7.42 7.18
C GLY A 690 19.09 -8.80 7.23
N SER A 691 17.76 -8.81 7.13
CA SER A 691 17.01 -10.05 7.13
C SER A 691 16.91 -10.61 5.72
N ALA A 692 16.99 -11.93 5.60
CA ALA A 692 16.80 -12.59 4.33
C ALA A 692 15.31 -12.65 3.99
N ASN A 693 14.96 -12.29 2.76
CA ASN A 693 13.57 -12.38 2.32
C ASN A 693 13.29 -13.60 1.47
N ILE A 694 14.32 -14.32 1.03
CA ILE A 694 14.15 -15.58 0.32
C ILE A 694 14.84 -16.67 1.13
N LEU A 695 14.09 -17.69 1.52
CA LEU A 695 14.62 -18.81 2.30
C LEU A 695 14.55 -20.05 1.43
N VAL A 696 15.71 -20.58 1.06
CA VAL A 696 15.81 -21.79 0.25
C VAL A 696 16.09 -22.96 1.18
N MET A 697 15.26 -23.99 1.10
CA MET A 697 15.29 -25.08 2.06
C MET A 697 15.88 -26.34 1.43
N PRO A 698 16.50 -27.20 2.25
CA PRO A 698 17.15 -28.40 1.68
C PRO A 698 16.20 -29.38 1.02
N ASN A 699 15.02 -29.58 1.59
CA ASN A 699 14.07 -30.55 1.05
C ASN A 699 12.65 -29.98 1.15
N MET A 700 11.73 -30.62 0.44
CA MET A 700 10.34 -30.15 0.43
C MET A 700 9.65 -30.35 1.77
N GLU A 701 10.06 -31.35 2.55
CA GLU A 701 9.43 -31.55 3.86
C GLU A 701 9.71 -30.37 4.78
N ALA A 702 10.97 -29.95 4.88
CA ALA A 702 11.31 -28.82 5.73
C ALA A 702 10.62 -27.55 5.27
N ALA A 703 10.64 -27.30 3.95
CA ALA A 703 10.02 -26.10 3.41
C ALA A 703 8.53 -26.08 3.68
N ARG A 704 7.84 -27.18 3.39
CA ARG A 704 6.40 -27.23 3.59
C ARG A 704 6.02 -27.12 5.07
N ILE A 705 6.74 -27.84 5.94
CA ILE A 705 6.41 -27.79 7.36
C ILE A 705 6.63 -26.39 7.91
N SER A 706 7.76 -25.77 7.56
CA SER A 706 8.04 -24.42 8.03
C SER A 706 7.00 -23.44 7.53
N TYR A 707 6.65 -23.51 6.24
CA TYR A 707 5.66 -22.57 5.71
C TYR A 707 4.30 -22.78 6.36
N ASN A 708 3.88 -24.03 6.53
CA ASN A 708 2.57 -24.31 7.12
C ASN A 708 2.50 -23.84 8.57
N LEU A 709 3.57 -24.06 9.34
CA LEU A 709 3.57 -23.62 10.72
C LEU A 709 3.61 -22.10 10.83
N LEU A 710 4.45 -21.45 10.02
CA LEU A 710 4.57 -20.00 10.07
C LEU A 710 3.31 -19.29 9.56
N ARG A 711 2.63 -19.86 8.57
CA ARG A 711 1.44 -19.22 8.03
C ARG A 711 0.33 -19.12 9.07
N VAL A 712 0.13 -20.18 9.86
CA VAL A 712 -0.90 -20.14 10.88
C VAL A 712 -0.42 -19.52 12.18
N SER A 713 0.89 -19.49 12.44
CA SER A 713 1.41 -18.90 13.65
C SER A 713 1.85 -17.46 13.44
N SER A 714 2.81 -17.24 12.54
CA SER A 714 3.47 -15.95 12.37
C SER A 714 3.26 -15.46 10.95
N SER A 715 2.10 -14.83 10.72
CA SER A 715 1.79 -14.32 9.39
C SER A 715 0.59 -13.38 9.50
N GLU A 716 0.62 -12.32 8.70
CA GLU A 716 -0.43 -11.31 8.73
C GLU A 716 -1.52 -11.59 7.70
N GLY A 717 -1.14 -11.63 6.41
CA GLY A 717 -2.12 -11.76 5.36
C GLY A 717 -1.57 -12.53 4.18
N VAL A 718 -2.46 -12.82 3.23
CA VAL A 718 -2.10 -13.58 2.04
C VAL A 718 -1.72 -12.62 0.92
N THR A 719 -0.58 -12.88 0.28
CA THR A 719 -0.22 -12.13 -0.93
C THR A 719 -0.18 -13.02 -2.16
N VAL A 720 0.71 -14.01 -2.17
CA VAL A 720 0.90 -14.91 -3.29
C VAL A 720 1.43 -16.25 -2.78
N GLY A 721 1.27 -17.28 -3.60
CA GLY A 721 1.79 -18.58 -3.29
C GLY A 721 0.79 -19.70 -3.55
N PRO A 722 1.27 -20.83 -4.05
CA PRO A 722 2.66 -21.09 -4.47
C PRO A 722 2.93 -20.58 -5.88
N VAL A 723 3.93 -19.69 -6.03
CA VAL A 723 4.27 -19.14 -7.33
C VAL A 723 5.13 -20.16 -8.07
N LEU A 724 4.60 -20.68 -9.17
CA LEU A 724 5.29 -21.71 -9.93
C LEU A 724 6.29 -21.05 -10.88
N MET A 725 7.56 -21.44 -10.77
CA MET A 725 8.63 -20.89 -11.59
C MET A 725 9.27 -22.01 -12.39
N GLY A 726 9.65 -21.70 -13.63
CA GLY A 726 10.36 -22.63 -14.48
C GLY A 726 9.53 -23.33 -15.52
N VAL A 727 8.26 -22.98 -15.67
CA VAL A 727 7.40 -23.57 -16.68
C VAL A 727 7.28 -22.59 -17.84
N ALA A 728 7.08 -23.14 -19.05
CA ALA A 728 7.16 -22.32 -20.26
C ALA A 728 6.09 -21.24 -20.29
N LYS A 729 4.87 -21.56 -19.92
CA LYS A 729 3.74 -20.66 -20.02
C LYS A 729 3.20 -20.27 -18.64
N PRO A 730 2.51 -19.12 -18.54
CA PRO A 730 2.01 -18.67 -17.24
C PRO A 730 0.91 -19.58 -16.69
N VAL A 731 1.21 -20.26 -15.59
CA VAL A 731 0.25 -21.13 -14.92
C VAL A 731 0.70 -21.28 -13.47
N HIS A 732 -0.29 -21.27 -12.58
CA HIS A 732 -0.03 -21.36 -11.15
C HIS A 732 -0.95 -22.43 -10.58
N VAL A 733 -0.36 -23.51 -10.07
CA VAL A 733 -1.13 -24.53 -9.38
C VAL A 733 -1.32 -24.10 -7.93
N LEU A 734 -2.57 -23.97 -7.51
CA LEU A 734 -2.90 -23.56 -6.16
C LEU A 734 -3.18 -24.79 -5.30
N THR A 735 -3.68 -24.57 -4.09
CA THR A 735 -4.02 -25.62 -3.16
C THR A 735 -5.53 -25.66 -2.93
N PRO A 736 -6.07 -26.81 -2.52
CA PRO A 736 -7.52 -26.91 -2.29
C PRO A 736 -8.03 -26.00 -1.18
N ILE A 737 -7.17 -25.52 -0.29
CA ILE A 737 -7.58 -24.64 0.79
C ILE A 737 -7.33 -23.17 0.46
N ALA A 738 -6.99 -22.86 -0.78
CA ALA A 738 -6.76 -21.48 -1.17
C ALA A 738 -8.04 -20.67 -1.07
N SER A 739 -7.92 -19.47 -0.50
CA SER A 739 -9.05 -18.58 -0.30
C SER A 739 -9.35 -17.81 -1.58
N VAL A 740 -10.46 -17.07 -1.55
CA VAL A 740 -10.83 -16.24 -2.69
C VAL A 740 -9.78 -15.16 -2.94
N ARG A 741 -9.27 -14.54 -1.87
CA ARG A 741 -8.25 -13.52 -2.02
C ARG A 741 -6.98 -14.09 -2.65
N ARG A 742 -6.59 -15.29 -2.24
CA ARG A 742 -5.43 -15.95 -2.83
C ARG A 742 -5.63 -16.19 -4.32
N ILE A 743 -6.82 -16.67 -4.70
CA ILE A 743 -7.10 -16.92 -6.11
C ILE A 743 -7.07 -15.64 -6.92
N VAL A 744 -7.65 -14.56 -6.38
CA VAL A 744 -7.66 -13.29 -7.10
C VAL A 744 -6.24 -12.75 -7.27
N ASN A 745 -5.44 -12.80 -6.20
CA ASN A 745 -4.05 -12.33 -6.30
C ASN A 745 -3.25 -13.16 -7.28
N MET A 746 -3.43 -14.48 -7.28
CA MET A 746 -2.66 -15.34 -8.16
C MET A 746 -3.09 -15.17 -9.61
N VAL A 747 -4.38 -14.95 -9.85
CA VAL A 747 -4.85 -14.66 -11.20
C VAL A 747 -4.28 -13.35 -11.70
N ALA A 748 -4.23 -12.33 -10.83
CA ALA A 748 -3.65 -11.05 -11.23
C ALA A 748 -2.16 -11.22 -11.55
N LEU A 749 -1.45 -12.00 -10.75
CA LEU A 749 -0.04 -12.27 -11.04
C LEU A 749 0.13 -13.00 -12.37
N ALA A 750 -0.72 -13.98 -12.65
CA ALA A 750 -0.66 -14.69 -13.93
C ALA A 750 -0.97 -13.76 -15.10
N VAL A 751 -1.94 -12.86 -14.92
CA VAL A 751 -2.26 -11.90 -15.97
C VAL A 751 -1.07 -11.00 -16.25
N VAL A 752 -0.40 -10.51 -15.21
CA VAL A 752 0.74 -9.64 -15.41
C VAL A 752 1.90 -10.42 -16.05
N GLU A 753 2.09 -11.68 -15.68
CA GLU A 753 3.12 -12.50 -16.29
C GLU A 753 2.82 -12.80 -17.75
N ALA A 754 1.54 -12.89 -18.12
CA ALA A 754 1.18 -13.09 -19.52
C ALA A 754 1.33 -11.81 -20.33
N GLN A 755 1.45 -10.67 -19.66
CA GLN A 755 1.74 -9.42 -20.37
C GLN A 755 3.21 -9.33 -20.77
N THR A 756 4.01 -10.32 -20.42
CA THR A 756 5.46 -10.30 -20.57
C THR A 756 5.91 -11.52 -21.37
N GLN A 757 5.34 -11.71 -22.55
CA GLN A 757 5.67 -12.84 -23.43
C GLN A 757 5.32 -14.15 -22.73
N PRO A 758 4.04 -14.56 -22.76
CA PRO A 758 3.61 -15.76 -22.02
C PRO A 758 4.19 -17.04 -22.61
N LEU A 759 5.52 -17.10 -22.67
CA LEU A 759 6.23 -18.27 -23.17
C LEU A 759 7.71 -18.19 -22.83
PA NAP B . -16.69 20.80 5.32
O1A NAP B . -17.55 19.67 4.87
O2A NAP B . -16.53 21.14 6.77
O5B NAP B . -17.21 22.11 4.49
C5B NAP B . -17.37 22.10 3.09
C4B NAP B . -17.68 23.52 2.67
O4B NAP B . -18.06 23.59 1.29
C3B NAP B . -18.84 24.13 3.49
O3B NAP B . -18.42 24.90 4.57
C2B NAP B . -19.61 24.97 2.45
O2B NAP B . -19.35 26.30 2.73
C1B NAP B . -19.03 24.58 1.09
N9A NAP B . -20.07 24.20 0.13
C8A NAP B . -21.04 23.24 0.20
N7A NAP B . -21.80 23.21 -0.86
C5A NAP B . -21.32 24.20 -1.66
C6A NAP B . -21.70 24.68 -2.94
N6A NAP B . -22.72 24.16 -3.63
N1A NAP B . -21.00 25.69 -3.46
C2A NAP B . -19.99 26.21 -2.76
N3A NAP B . -19.54 25.85 -1.58
C4A NAP B . -20.24 24.84 -1.06
O3 NAP B . -15.14 20.65 4.77
PN NAP B . -14.09 19.40 5.00
O1N NAP B . -12.68 19.89 5.00
O2N NAP B . -14.67 18.62 6.14
O5D NAP B . -14.26 18.54 3.61
C5D NAP B . -15.34 18.71 2.75
C4D NAP B . -15.00 18.42 1.28
O4D NAP B . -13.55 18.32 1.17
C3D NAP B . -15.55 17.12 0.73
O3D NAP B . -15.70 17.28 -0.66
C2D NAP B . -14.40 16.15 1.02
O2D NAP B . -14.33 15.02 0.21
C1D NAP B . -13.19 17.06 0.75
N1N NAP B . -11.99 16.57 1.49
C2N NAP B . -11.00 15.93 0.86
C3N NAP B . -9.89 15.49 1.56
C7N NAP B . -8.76 14.77 0.89
O7N NAP B . -8.96 14.20 -0.18
N7N NAP B . -7.59 14.79 1.52
C4N NAP B . -9.81 15.74 2.93
C5N NAP B . -10.84 16.41 3.56
C6N NAP B . -11.92 16.82 2.81
P2B NAP B . -20.65 27.19 3.46
O1X NAP B . -20.29 28.65 3.21
O2X NAP B . -21.81 26.65 2.64
O3X NAP B . -20.61 26.76 4.92
MG MG C . -11.23 12.91 8.90
#